data_4KZ6
#
_entry.id   4KZ6
#
_cell.length_a   118.090
_cell.length_b   77.080
_cell.length_c   97.540
_cell.angle_alpha   90.000
_cell.angle_beta   116.360
_cell.angle_gamma   90.000
#
_symmetry.space_group_name_H-M   'C 1 2 1'
#
loop_
_entity.id
_entity.type
_entity.pdbx_description
1 polymer Beta-lactamase
2 non-polymer 'PHOSPHATE ION'
3 non-polymer '(2R,6R)-6-methyl-1-(3-sulfanylpropanoyl)piperidine-2-carboxylic acid'
4 water water
#
_entity_poly.entity_id   1
_entity_poly.type   'polypeptide(L)'
_entity_poly.pdbx_seq_one_letter_code
;APQQINDIVHRTITPLIEQQKIPGMAVAVIYQGKPYYFTWGYADIAKKQPVTQQTLFELGSVSKTFTGVLGGDAIARGEI
KLSDPTTKYWPELTAKQWNGITLLHLATYTAGGLPLQVPDEVKSSSDLLRFYQNWQPAWAPGTQRLYANSSIGLFGALAV
KPSGLSFEQAMQTRVFQPLKLNHTWINVPPAEEKNYAWGYREGKAVHVSPGALDAEAYGVKSTIEDMARWVQSNLKPLDI
NEKTLQQGIQLAQSRYWQTGDMYQGLGWEMLDWPVNPDSIINGSDNKIALAARPVKAITPPTPAVRASWVHKTGATGGFG
SYVAFIPEKELGIVMLANKNYPNPARVDAAWQILNALQ
;
_entity_poly.pdbx_strand_id   A,B
#
loop_
_chem_comp.id
_chem_comp.type
_chem_comp.name
_chem_comp.formula
PO4 non-polymer 'PHOSPHATE ION' 'O4 P -3'
ZB6 non-polymer '(2R,6R)-6-methyl-1-(3-sulfanylpropanoyl)piperidine-2-carboxylic acid' 'C10 H17 N O3 S'
#
# COMPACT_ATOMS: atom_id res chain seq x y z
N ALA A 1 -32.94 16.26 4.43
CA ALA A 1 -32.81 16.19 2.98
C ALA A 1 -32.79 17.59 2.37
N PRO A 2 -31.58 18.17 2.23
CA PRO A 2 -31.47 19.51 1.64
C PRO A 2 -32.17 19.57 0.30
N GLN A 3 -32.84 20.68 0.01
CA GLN A 3 -33.65 20.74 -1.21
C GLN A 3 -32.79 20.57 -2.46
N GLN A 4 -31.54 20.97 -2.41
CA GLN A 4 -30.65 20.81 -3.55
C GLN A 4 -30.53 19.35 -3.94
N ILE A 5 -30.31 18.51 -2.93
CA ILE A 5 -30.15 17.09 -3.17
C ILE A 5 -31.48 16.50 -3.64
N ASN A 6 -32.57 16.86 -2.99
CA ASN A 6 -33.87 16.38 -3.40
C ASN A 6 -34.12 16.70 -4.89
N ASP A 7 -33.91 17.95 -5.25
CA ASP A 7 -34.21 18.41 -6.61
C ASP A 7 -33.31 17.74 -7.62
N ILE A 8 -32.01 17.75 -7.36
CA ILE A 8 -31.05 17.08 -8.23
C ILE A 8 -31.34 15.59 -8.43
N VAL A 9 -31.57 14.86 -7.34
CA VAL A 9 -31.87 13.45 -7.48
C VAL A 9 -33.20 13.24 -8.21
N HIS A 10 -34.25 13.97 -7.80
CA HIS A 10 -35.53 13.73 -8.43
C HIS A 10 -35.55 14.14 -9.90
N ARG A 11 -34.93 15.26 -10.23
CA ARG A 11 -34.88 15.69 -11.62
C ARG A 11 -34.14 14.72 -12.54
N THR A 12 -33.25 13.91 -11.97
CA THR A 12 -32.41 13.05 -12.78
C THR A 12 -33.03 11.66 -12.85
N ILE A 13 -33.50 11.18 -11.70
CA ILE A 13 -33.95 9.80 -11.58
C ILE A 13 -35.37 9.60 -12.11
N THR A 14 -36.25 10.58 -11.91
CA THR A 14 -37.60 10.45 -12.44
C THR A 14 -37.64 10.15 -13.95
N PRO A 15 -36.93 10.95 -14.78
CA PRO A 15 -36.93 10.67 -16.22
C PRO A 15 -36.23 9.36 -16.58
N LEU A 16 -35.22 8.98 -15.79
CA LEU A 16 -34.47 7.75 -16.04
C LEU A 16 -35.43 6.57 -15.86
N ILE A 17 -36.21 6.59 -14.79
CA ILE A 17 -37.18 5.52 -14.53
C ILE A 17 -38.18 5.40 -15.64
N GLU A 18 -38.65 6.56 -16.12
CA GLU A 18 -39.64 6.60 -17.18
C GLU A 18 -39.03 6.12 -18.49
N GLN A 19 -37.85 6.60 -18.82
CA GLN A 19 -37.23 6.24 -20.09
C GLN A 19 -36.85 4.75 -20.11
N GLN A 20 -36.45 4.20 -18.96
CA GLN A 20 -35.88 2.85 -18.94
C GLN A 20 -36.93 1.83 -18.47
N LYS A 21 -38.09 2.31 -18.06
CA LYS A 21 -39.20 1.48 -17.57
C LYS A 21 -38.75 0.60 -16.44
N ILE A 22 -38.08 1.22 -15.48
CA ILE A 22 -37.57 0.53 -14.30
C ILE A 22 -38.70 0.37 -13.30
N PRO A 23 -38.97 -0.88 -12.84
CA PRO A 23 -40.11 -1.11 -11.95
C PRO A 23 -39.94 -0.51 -10.56
N GLY A 24 -38.72 -0.57 -10.04
CA GLY A 24 -38.40 -0.15 -8.69
C GLY A 24 -36.98 0.31 -8.61
N MET A 25 -36.71 1.31 -7.78
CA MET A 25 -35.35 1.82 -7.69
C MET A 25 -35.15 2.42 -6.32
N ALA A 26 -33.92 2.31 -5.80
CA ALA A 26 -33.53 3.00 -4.58
C ALA A 26 -32.22 3.71 -4.88
N VAL A 27 -32.08 4.92 -4.34
CA VAL A 27 -30.86 5.72 -4.52
C VAL A 27 -30.42 6.26 -3.18
N ALA A 28 -29.11 6.25 -2.91
CA ALA A 28 -28.56 6.92 -1.75
C ALA A 28 -27.55 7.89 -2.27
N VAL A 29 -27.61 9.12 -1.77
CA VAL A 29 -26.55 10.05 -2.04
C VAL A 29 -25.82 10.24 -0.72
N ILE A 30 -24.49 10.17 -0.76
CA ILE A 30 -23.69 10.47 0.42
C ILE A 30 -23.11 11.84 0.18
N TYR A 31 -23.50 12.80 1.02
CA TYR A 31 -23.11 14.18 0.80
C TYR A 31 -22.47 14.64 2.08
N GLN A 32 -21.23 15.12 1.99
CA GLN A 32 -20.43 15.45 3.18
C GLN A 32 -20.48 14.29 4.18
N GLY A 33 -20.39 13.07 3.66
CA GLY A 33 -20.35 11.91 4.52
C GLY A 33 -21.68 11.36 5.05
N LYS A 34 -22.77 12.12 4.95
CA LYS A 34 -24.08 11.65 5.47
C LYS A 34 -24.95 11.10 4.33
N PRO A 35 -25.75 10.04 4.59
CA PRO A 35 -26.56 9.46 3.50
C PRO A 35 -27.95 10.06 3.43
N TYR A 36 -28.48 10.17 2.21
CA TYR A 36 -29.85 10.62 1.95
C TYR A 36 -30.47 9.63 1.00
N TYR A 37 -31.69 9.18 1.32
CA TYR A 37 -32.25 8.06 0.61
C TYR A 37 -33.48 8.42 -0.17
N PHE A 38 -33.70 7.73 -1.28
CA PHE A 38 -34.80 8.00 -2.18
C PHE A 38 -35.26 6.67 -2.72
N THR A 39 -36.57 6.47 -2.79
CA THR A 39 -37.10 5.23 -3.33
C THR A 39 -38.26 5.48 -4.27
N TRP A 40 -38.41 4.60 -5.25
CA TRP A 40 -39.51 4.67 -6.23
C TRP A 40 -40.07 3.28 -6.55
N GLY A 41 -41.39 3.18 -6.81
CA GLY A 41 -41.85 2.01 -7.52
C GLY A 41 -41.89 0.74 -6.70
N TYR A 42 -41.72 -0.40 -7.38
CA TYR A 42 -42.11 -1.68 -6.84
C TYR A 42 -40.95 -2.65 -6.74
N ALA A 43 -40.83 -3.24 -5.56
CA ALA A 43 -40.00 -4.41 -5.34
C ALA A 43 -40.62 -5.67 -5.94
N ASP A 44 -41.94 -5.78 -5.84
CA ASP A 44 -42.67 -6.93 -6.38
C ASP A 44 -43.97 -6.39 -6.99
N ILE A 45 -44.05 -6.37 -8.31
CA ILE A 45 -45.18 -5.77 -9.02
C ILE A 45 -46.44 -6.54 -8.70
N ALA A 46 -46.37 -7.87 -8.81
CA ALA A 46 -47.52 -8.73 -8.55
C ALA A 46 -48.16 -8.54 -7.17
N LYS A 47 -47.33 -8.49 -6.14
CA LYS A 47 -47.80 -8.39 -4.77
C LYS A 47 -47.88 -6.94 -4.28
N LYS A 48 -47.60 -6.01 -5.20
CA LYS A 48 -47.72 -4.58 -4.92
C LYS A 48 -46.87 -4.12 -3.75
N GLN A 49 -45.69 -4.72 -3.61
CA GLN A 49 -44.76 -4.32 -2.57
C GLN A 49 -43.87 -3.22 -3.07
N PRO A 50 -43.85 -2.08 -2.35
CA PRO A 50 -43.04 -0.95 -2.77
C PRO A 50 -41.57 -1.17 -2.45
N VAL A 51 -40.70 -0.51 -3.20
CA VAL A 51 -39.30 -0.36 -2.77
C VAL A 51 -39.24 0.48 -1.50
N THR A 52 -38.52 -0.03 -0.50
CA THR A 52 -38.26 0.72 0.71
C THR A 52 -36.74 0.74 0.99
N GLN A 53 -36.35 1.40 2.07
CA GLN A 53 -34.94 1.41 2.44
C GLN A 53 -34.45 0.05 2.93
N GLN A 54 -35.37 -0.88 3.12
CA GLN A 54 -35.04 -2.24 3.57
CA GLN A 54 -35.02 -2.24 3.55
C GLN A 54 -35.12 -3.26 2.43
N THR A 55 -35.51 -2.83 1.24
CA THR A 55 -35.58 -3.77 0.11
C THR A 55 -34.19 -4.27 -0.25
N LEU A 56 -34.04 -5.58 -0.44
CA LEU A 56 -32.78 -6.15 -0.95
C LEU A 56 -32.81 -6.22 -2.45
N PHE A 57 -31.70 -5.80 -3.07
CA PHE A 57 -31.53 -5.87 -4.49
C PHE A 57 -30.33 -6.78 -4.81
N GLU A 58 -30.33 -7.46 -5.95
CA GLU A 58 -29.12 -8.18 -6.37
C GLU A 58 -28.12 -7.16 -6.86
N LEU A 59 -26.93 -7.18 -6.28
CA LEU A 59 -25.88 -6.26 -6.72
C LEU A 59 -25.16 -6.68 -7.99
N GLY A 60 -25.27 -7.95 -8.37
CA GLY A 60 -24.55 -8.42 -9.53
C GLY A 60 -23.08 -8.12 -9.32
N SER A 61 -22.42 -7.59 -10.34
CA SER A 61 -20.98 -7.44 -10.29
C SER A 61 -20.47 -6.35 -9.34
N VAL A 62 -21.37 -5.56 -8.76
CA VAL A 62 -20.93 -4.69 -7.66
C VAL A 62 -20.36 -5.54 -6.52
N SER A 63 -20.78 -6.80 -6.49
CA SER A 63 -20.27 -7.78 -5.52
C SER A 63 -18.75 -7.85 -5.59
N LYS A 64 -18.20 -7.61 -6.76
CA LYS A 64 -16.73 -7.69 -6.92
C LYS A 64 -16.01 -6.71 -6.01
N THR A 65 -16.65 -5.59 -5.68
CA THR A 65 -16.05 -4.68 -4.74
C THR A 65 -15.88 -5.33 -3.34
N PHE A 66 -16.87 -6.06 -2.88
CA PHE A 66 -16.69 -6.78 -1.61
C PHE A 66 -15.58 -7.83 -1.73
N THR A 67 -15.60 -8.58 -2.83
CA THR A 67 -14.54 -9.60 -3.03
C THR A 67 -13.16 -8.95 -3.03
N GLY A 68 -13.02 -7.79 -3.65
CA GLY A 68 -11.71 -7.13 -3.74
C GLY A 68 -11.28 -6.67 -2.36
N VAL A 69 -12.21 -6.12 -1.58
CA VAL A 69 -11.86 -5.69 -0.22
C VAL A 69 -11.57 -6.91 0.69
N LEU A 70 -12.33 -7.99 0.55
CA LEU A 70 -12.05 -9.19 1.36
C LEU A 70 -10.66 -9.73 1.01
N GLY A 71 -10.31 -9.73 -0.27
CA GLY A 71 -8.94 -10.12 -0.68
C GLY A 71 -7.95 -9.20 -0.06
N GLY A 72 -8.21 -7.88 -0.15
CA GLY A 72 -7.34 -6.91 0.48
C GLY A 72 -7.15 -7.19 1.96
N ASP A 73 -8.22 -7.59 2.65
CA ASP A 73 -8.14 -7.84 4.06
C ASP A 73 -7.22 -9.05 4.31
N ALA A 74 -7.30 -10.03 3.40
CA ALA A 74 -6.49 -11.25 3.54
C ALA A 74 -5.02 -10.95 3.31
N ILE A 75 -4.73 -10.04 2.39
CA ILE A 75 -3.35 -9.58 2.21
C ILE A 75 -2.88 -8.89 3.48
N ALA A 76 -3.71 -7.98 3.99
CA ALA A 76 -3.35 -7.26 5.22
C ALA A 76 -3.13 -8.20 6.43
N ARG A 77 -3.88 -9.29 6.46
CA ARG A 77 -3.72 -10.33 7.49
C ARG A 77 -2.46 -11.16 7.32
N GLY A 78 -1.80 -11.05 6.17
CA GLY A 78 -0.59 -11.82 5.88
C GLY A 78 -0.93 -13.23 5.41
N GLU A 79 -2.19 -13.45 5.06
CA GLU A 79 -2.63 -14.78 4.64
C GLU A 79 -2.28 -15.11 3.18
N ILE A 80 -2.30 -14.09 2.32
CA ILE A 80 -1.98 -14.25 0.91
C ILE A 80 -1.15 -13.02 0.50
N LYS A 81 -0.47 -13.13 -0.63
CA LYS A 81 0.18 -11.99 -1.31
C LYS A 81 -0.28 -11.97 -2.75
N LEU A 82 -0.54 -10.77 -3.28
CA LEU A 82 -0.93 -10.71 -4.68
C LEU A 82 0.17 -11.18 -5.62
N SER A 83 1.42 -11.16 -5.14
CA SER A 83 2.51 -11.64 -5.97
C SER A 83 2.63 -13.18 -5.95
N ASP A 84 1.85 -13.85 -5.09
CA ASP A 84 1.89 -15.33 -5.02
C ASP A 84 1.35 -15.95 -6.34
N PRO A 85 1.99 -17.01 -6.82
CA PRO A 85 1.44 -17.79 -7.93
C PRO A 85 0.09 -18.39 -7.54
N THR A 86 -0.80 -18.54 -8.52
CA THR A 86 -2.13 -19.08 -8.27
C THR A 86 -1.96 -20.50 -7.72
N THR A 87 -0.95 -21.20 -8.20
CA THR A 87 -0.73 -22.60 -7.81
C THR A 87 -0.31 -22.81 -6.34
N LYS A 88 0.16 -21.76 -5.70
CA LYS A 88 0.48 -21.86 -4.28
C LYS A 88 -0.79 -22.20 -3.47
N TYR A 89 -1.93 -21.69 -3.88
CA TYR A 89 -3.18 -21.93 -3.18
C TYR A 89 -4.04 -23.00 -3.82
N TRP A 90 -3.63 -23.48 -4.99
CA TRP A 90 -4.35 -24.53 -5.70
C TRP A 90 -3.30 -25.41 -6.37
N PRO A 91 -2.65 -26.25 -5.58
CA PRO A 91 -1.54 -27.08 -6.07
C PRO A 91 -1.95 -28.05 -7.16
N GLU A 92 -3.22 -28.45 -7.18
CA GLU A 92 -3.77 -29.32 -8.23
C GLU A 92 -3.75 -28.65 -9.61
N LEU A 93 -3.59 -27.32 -9.63
CA LEU A 93 -3.52 -26.59 -10.87
C LEU A 93 -2.13 -26.71 -11.50
N THR A 94 -1.82 -27.88 -12.06
CA THR A 94 -0.45 -28.17 -12.46
C THR A 94 -0.16 -27.84 -13.94
N ALA A 95 -1.16 -27.47 -14.72
CA ALA A 95 -0.92 -27.23 -16.14
C ALA A 95 0.02 -26.02 -16.37
N LYS A 96 0.94 -26.15 -17.33
CA LYS A 96 2.07 -25.23 -17.45
C LYS A 96 1.67 -23.79 -17.79
N GLN A 97 0.48 -23.60 -18.35
CA GLN A 97 0.05 -22.24 -18.68
C GLN A 97 -0.16 -21.40 -17.42
N TRP A 98 -0.26 -22.05 -16.26
CA TRP A 98 -0.43 -21.33 -15.00
C TRP A 98 0.88 -20.79 -14.41
N ASN A 99 2.02 -21.24 -14.94
CA ASN A 99 3.30 -20.70 -14.51
C ASN A 99 3.33 -19.21 -14.80
N GLY A 100 3.47 -18.40 -13.77
CA GLY A 100 3.57 -16.96 -14.01
C GLY A 100 2.26 -16.23 -13.84
N ILE A 101 1.17 -16.96 -13.60
CA ILE A 101 -0.14 -16.35 -13.33
C ILE A 101 -0.34 -16.22 -11.82
N THR A 102 -0.34 -14.98 -11.35
CA THR A 102 -0.39 -14.68 -9.92
C THR A 102 -1.81 -14.31 -9.45
N LEU A 103 -1.99 -14.21 -8.13
CA LEU A 103 -3.28 -13.79 -7.60
C LEU A 103 -3.60 -12.37 -8.10
N LEU A 104 -2.58 -11.53 -8.31
CA LEU A 104 -2.81 -10.17 -8.85
C LEU A 104 -3.51 -10.27 -10.22
N HIS A 105 -2.97 -11.14 -11.08
CA HIS A 105 -3.61 -11.36 -12.40
C HIS A 105 -5.04 -11.80 -12.29
N LEU A 106 -5.31 -12.75 -11.39
CA LEU A 106 -6.68 -13.17 -11.22
C LEU A 106 -7.58 -12.03 -10.77
N ALA A 107 -7.11 -11.30 -9.76
CA ALA A 107 -7.93 -10.24 -9.17
C ALA A 107 -8.26 -9.14 -10.14
N THR A 108 -7.40 -8.93 -11.15
CA THR A 108 -7.51 -7.74 -11.97
C THR A 108 -7.81 -8.05 -13.46
N TYR A 109 -8.16 -9.31 -13.73
CA TYR A 109 -8.59 -9.76 -15.09
C TYR A 109 -7.45 -9.73 -16.10
N THR A 110 -6.22 -9.90 -15.62
CA THR A 110 -5.04 -9.80 -16.50
C THR A 110 -4.29 -11.12 -16.64
N ALA A 111 -4.96 -12.25 -16.33
CA ALA A 111 -4.29 -13.57 -16.41
C ALA A 111 -3.97 -14.04 -17.81
N GLY A 112 -4.63 -13.43 -18.80
CA GLY A 112 -4.35 -13.76 -20.18
C GLY A 112 -5.54 -14.26 -20.95
N GLY A 113 -6.75 -13.80 -20.60
CA GLY A 113 -7.94 -14.20 -21.35
C GLY A 113 -8.88 -15.21 -20.69
N LEU A 114 -8.90 -15.29 -19.36
CA LEU A 114 -9.95 -16.08 -18.71
C LEU A 114 -11.33 -15.52 -19.11
N PRO A 115 -12.29 -16.42 -19.35
CA PRO A 115 -13.56 -15.98 -19.96
C PRO A 115 -14.49 -15.24 -19.01
N LEU A 116 -15.33 -14.41 -19.62
CA LEU A 116 -16.30 -13.62 -18.87
C LEU A 116 -17.10 -14.50 -17.89
N GLN A 117 -17.55 -15.67 -18.36
CA GLN A 117 -18.39 -16.53 -17.52
C GLN A 117 -17.71 -17.87 -17.34
N VAL A 118 -17.89 -18.43 -16.15
CA VAL A 118 -17.65 -19.86 -15.98
C VAL A 118 -18.75 -20.63 -16.72
N PRO A 119 -18.38 -21.64 -17.51
CA PRO A 119 -19.42 -22.31 -18.31
C PRO A 119 -20.53 -22.88 -17.43
N ASP A 120 -21.79 -22.83 -17.88
CA ASP A 120 -22.93 -23.29 -17.08
C ASP A 120 -22.76 -24.76 -16.76
N GLU A 121 -22.02 -25.45 -17.61
CA GLU A 121 -21.77 -26.90 -17.50
C GLU A 121 -20.92 -27.23 -16.29
N VAL A 122 -20.16 -26.25 -15.80
CA VAL A 122 -19.34 -26.50 -14.63
C VAL A 122 -20.19 -26.48 -13.37
N LYS A 123 -20.48 -27.65 -12.84
CA LYS A 123 -21.36 -27.79 -11.68
C LYS A 123 -20.56 -28.19 -10.46
N SER A 124 -19.75 -29.25 -10.60
CA SER A 124 -19.00 -29.82 -9.47
C SER A 124 -17.65 -29.14 -9.28
N SER A 125 -16.96 -29.48 -8.20
CA SER A 125 -15.67 -28.86 -7.99
C SER A 125 -14.63 -29.49 -8.94
N SER A 126 -14.81 -30.78 -9.25
CA SER A 126 -13.92 -31.43 -10.19
C SER A 126 -14.10 -30.83 -11.60
N ASP A 127 -15.33 -30.42 -11.94
CA ASP A 127 -15.60 -29.67 -13.16
C ASP A 127 -14.81 -28.37 -13.18
N LEU A 128 -14.73 -27.72 -12.04
CA LEU A 128 -14.06 -26.42 -11.98
C LEU A 128 -12.54 -26.59 -12.18
N LEU A 129 -11.97 -27.62 -11.57
CA LEU A 129 -10.56 -27.91 -11.73
C LEU A 129 -10.30 -28.19 -13.20
N ARG A 130 -11.16 -29.00 -13.82
CA ARG A 130 -10.93 -29.36 -15.21
C ARG A 130 -10.94 -28.11 -16.06
N PHE A 131 -11.91 -27.24 -15.82
CA PHE A 131 -12.05 -26.02 -16.60
C PHE A 131 -10.76 -25.15 -16.57
N TYR A 132 -10.24 -24.87 -15.38
CA TYR A 132 -9.03 -24.08 -15.29
C TYR A 132 -7.79 -24.80 -15.83
N GLN A 133 -7.70 -26.11 -15.61
CA GLN A 133 -6.56 -26.87 -16.14
C GLN A 133 -6.55 -26.81 -17.67
N ASN A 134 -7.73 -26.80 -18.26
CA ASN A 134 -7.83 -26.94 -19.71
C ASN A 134 -7.85 -25.60 -20.45
N TRP A 135 -8.05 -24.52 -19.70
CA TRP A 135 -8.14 -23.19 -20.28
C TRP A 135 -6.82 -22.80 -20.90
N GLN A 136 -6.85 -22.28 -22.13
CA GLN A 136 -5.63 -21.83 -22.83
C GLN A 136 -5.61 -20.31 -22.96
N PRO A 137 -4.60 -19.64 -22.36
CA PRO A 137 -4.54 -18.18 -22.47
C PRO A 137 -4.31 -17.72 -23.91
N ALA A 138 -4.92 -16.59 -24.27
CA ALA A 138 -4.67 -15.98 -25.56
C ALA A 138 -3.45 -15.08 -25.48
N TRP A 139 -3.13 -14.63 -24.26
CA TRP A 139 -2.10 -13.65 -24.05
C TRP A 139 -1.23 -14.00 -22.85
N ALA A 140 0.02 -13.55 -22.89
CA ALA A 140 0.88 -13.62 -21.72
C ALA A 140 0.25 -12.93 -20.53
N PRO A 141 0.58 -13.40 -19.32
CA PRO A 141 0.03 -12.74 -18.14
C PRO A 141 0.45 -11.28 -18.05
N GLY A 142 -0.46 -10.48 -17.51
CA GLY A 142 -0.23 -9.07 -17.29
C GLY A 142 -0.03 -8.22 -18.53
N THR A 143 -0.64 -8.60 -19.65
CA THR A 143 -0.51 -7.83 -20.87
C THR A 143 -1.86 -7.32 -21.38
N GLN A 144 -2.92 -8.08 -21.11
CA GLN A 144 -4.26 -7.66 -21.55
C GLN A 144 -5.29 -7.85 -20.46
N ARG A 145 -6.22 -6.92 -20.41
CA ARG A 145 -7.32 -7.00 -19.45
C ARG A 145 -8.58 -7.48 -20.18
N LEU A 146 -9.21 -8.52 -19.63
CA LEU A 146 -10.51 -8.96 -20.18
C LEU A 146 -11.40 -9.23 -18.98
N TYR A 147 -12.34 -8.34 -18.73
CA TYR A 147 -13.22 -8.45 -17.56
C TYR A 147 -13.84 -9.84 -17.48
N ALA A 148 -13.77 -10.48 -16.31
CA ALA A 148 -14.09 -11.91 -16.24
C ALA A 148 -14.47 -12.37 -14.85
N ASN A 149 -15.66 -12.97 -14.78
CA ASN A 149 -16.13 -13.59 -13.51
C ASN A 149 -15.26 -14.77 -13.17
N SER A 150 -14.72 -15.45 -14.18
CA SER A 150 -13.89 -16.64 -13.90
C SER A 150 -12.54 -16.25 -13.35
N SER A 151 -12.17 -14.98 -13.49
CA SER A 151 -10.88 -14.48 -13.06
C SER A 151 -11.01 -14.02 -11.61
N ILE A 152 -11.81 -12.99 -11.35
CA ILE A 152 -11.85 -12.50 -9.97
C ILE A 152 -12.58 -13.50 -9.08
N GLY A 153 -13.49 -14.29 -9.67
CA GLY A 153 -14.17 -15.33 -8.91
C GLY A 153 -13.18 -16.32 -8.34
N LEU A 154 -12.18 -16.70 -9.14
CA LEU A 154 -11.19 -17.64 -8.63
C LEU A 154 -10.31 -16.96 -7.57
N PHE A 155 -9.97 -15.69 -7.80
CA PHE A 155 -9.21 -14.94 -6.81
C PHE A 155 -9.93 -15.01 -5.47
N GLY A 156 -11.24 -14.75 -5.47
CA GLY A 156 -11.92 -14.71 -4.18
C GLY A 156 -11.90 -16.05 -3.49
N ALA A 157 -12.12 -17.09 -4.26
CA ALA A 157 -12.10 -18.43 -3.66
C ALA A 157 -10.73 -18.80 -3.08
N LEU A 158 -9.65 -18.40 -3.77
CA LEU A 158 -8.30 -18.74 -3.31
C LEU A 158 -7.90 -17.86 -2.15
N ALA A 159 -8.36 -16.60 -2.19
CA ALA A 159 -7.94 -15.63 -1.19
C ALA A 159 -8.32 -16.07 0.24
N VAL A 160 -9.43 -16.79 0.39
CA VAL A 160 -9.94 -17.19 1.70
C VAL A 160 -9.43 -18.58 2.09
N LYS A 161 -8.66 -19.24 1.22
CA LYS A 161 -8.24 -20.60 1.55
C LYS A 161 -7.38 -20.68 2.82
N PRO A 162 -6.39 -19.78 2.99
CA PRO A 162 -5.56 -19.97 4.20
C PRO A 162 -6.33 -19.77 5.49
N SER A 163 -7.40 -18.97 5.47
CA SER A 163 -8.23 -18.80 6.65
C SER A 163 -8.96 -20.08 7.03
N GLY A 164 -9.15 -20.98 6.05
CA GLY A 164 -9.98 -22.16 6.27
C GLY A 164 -11.48 -21.88 6.30
N LEU A 165 -11.87 -20.61 6.17
CA LEU A 165 -13.28 -20.24 6.17
C LEU A 165 -13.85 -20.40 4.76
N SER A 166 -15.15 -20.70 4.66
CA SER A 166 -15.79 -20.62 3.38
C SER A 166 -15.76 -19.16 2.96
N PHE A 167 -15.91 -18.94 1.68
CA PHE A 167 -15.98 -17.55 1.18
C PHE A 167 -17.09 -16.76 1.89
N GLU A 168 -18.27 -17.35 2.02
CA GLU A 168 -19.38 -16.69 2.69
C GLU A 168 -19.05 -16.38 4.18
N GLN A 169 -18.51 -17.37 4.92
CA GLN A 169 -18.14 -17.13 6.31
C GLN A 169 -17.09 -16.03 6.46
N ALA A 170 -16.07 -16.05 5.60
CA ALA A 170 -15.05 -15.01 5.63
C ALA A 170 -15.67 -13.65 5.35
N MET A 171 -16.50 -13.58 4.32
CA MET A 171 -17.16 -12.31 4.01
C MET A 171 -18.01 -11.78 5.14
N GLN A 172 -18.79 -12.66 5.76
CA GLN A 172 -19.64 -12.25 6.88
C GLN A 172 -18.83 -11.72 8.03
N THR A 173 -17.84 -12.52 8.44
CA THR A 173 -17.13 -12.26 9.70
C THR A 173 -16.11 -11.11 9.55
N ARG A 174 -15.54 -10.98 8.36
CA ARG A 174 -14.43 -10.06 8.14
C ARG A 174 -14.80 -8.73 7.47
N VAL A 175 -15.93 -8.70 6.77
CA VAL A 175 -16.35 -7.48 6.06
C VAL A 175 -17.74 -7.03 6.52
N PHE A 176 -18.76 -7.87 6.34
CA PHE A 176 -20.14 -7.45 6.67
C PHE A 176 -20.32 -7.09 8.13
N GLN A 177 -19.96 -8.00 9.02
CA GLN A 177 -20.16 -7.75 10.46
C GLN A 177 -19.39 -6.52 11.00
N PRO A 178 -18.07 -6.42 10.73
CA PRO A 178 -17.39 -5.25 11.31
C PRO A 178 -17.93 -3.91 10.81
N LEU A 179 -18.49 -3.93 9.60
CA LEU A 179 -19.03 -2.70 8.98
C LEU A 179 -20.54 -2.52 9.29
N LYS A 180 -21.09 -3.43 10.08
CA LYS A 180 -22.51 -3.38 10.44
C LYS A 180 -23.43 -3.40 9.21
N LEU A 181 -23.02 -4.19 8.23
CA LEU A 181 -23.85 -4.40 7.04
C LEU A 181 -24.69 -5.63 7.43
N ASN A 182 -25.74 -5.39 8.21
CA ASN A 182 -26.52 -6.47 8.79
C ASN A 182 -27.69 -6.90 7.94
N HIS A 183 -27.82 -6.27 6.77
CA HIS A 183 -28.81 -6.63 5.77
C HIS A 183 -28.19 -6.80 4.39
N THR A 184 -27.00 -7.41 4.40
CA THR A 184 -26.24 -7.72 3.22
C THR A 184 -25.89 -9.21 3.27
N TRP A 185 -26.13 -9.89 2.17
CA TRP A 185 -26.14 -11.36 2.22
C TRP A 185 -25.59 -11.93 0.95
N ILE A 186 -24.96 -13.09 1.07
CA ILE A 186 -24.61 -13.86 -0.11
C ILE A 186 -25.73 -14.83 -0.43
N ASN A 187 -26.36 -15.35 0.63
CA ASN A 187 -27.55 -16.15 0.52
C ASN A 187 -28.60 -15.49 1.39
N VAL A 188 -29.71 -15.09 0.77
CA VAL A 188 -30.74 -14.37 1.51
C VAL A 188 -31.40 -15.36 2.49
N PRO A 189 -31.42 -15.05 3.80
CA PRO A 189 -32.05 -15.96 4.77
C PRO A 189 -33.57 -15.87 4.67
N PRO A 190 -34.28 -16.93 5.06
CA PRO A 190 -35.74 -16.96 5.05
C PRO A 190 -36.32 -15.74 5.77
N ALA A 191 -35.66 -15.29 6.85
CA ALA A 191 -36.20 -14.13 7.61
C ALA A 191 -36.26 -12.84 6.80
N GLU A 192 -35.41 -12.76 5.79
CA GLU A 192 -35.33 -11.52 5.00
C GLU A 192 -36.04 -11.64 3.63
N GLU A 193 -36.59 -12.81 3.30
CA GLU A 193 -37.26 -12.99 2.01
C GLU A 193 -38.36 -11.96 1.73
N LYS A 194 -39.10 -11.53 2.75
CA LYS A 194 -40.14 -10.52 2.60
C LYS A 194 -39.58 -9.23 1.99
N ASN A 195 -38.27 -9.02 2.10
CA ASN A 195 -37.65 -7.79 1.61
C ASN A 195 -36.91 -7.97 0.29
N TYR A 196 -36.83 -9.20 -0.20
CA TYR A 196 -36.04 -9.49 -1.39
C TYR A 196 -36.85 -9.12 -2.65
N ALA A 197 -36.44 -8.05 -3.33
CA ALA A 197 -37.17 -7.65 -4.51
C ALA A 197 -37.07 -8.74 -5.58
N TRP A 198 -38.07 -8.80 -6.45
CA TRP A 198 -37.91 -9.56 -7.69
C TRP A 198 -37.16 -8.71 -8.69
N GLY A 199 -36.31 -9.33 -9.51
CA GLY A 199 -35.80 -8.67 -10.71
C GLY A 199 -36.75 -8.87 -11.87
N TYR A 200 -36.68 -8.00 -12.87
CA TYR A 200 -37.59 -8.07 -13.99
C TYR A 200 -36.83 -8.10 -15.30
N ARG A 201 -37.05 -9.16 -16.06
CA ARG A 201 -36.32 -9.36 -17.31
C ARG A 201 -37.40 -9.72 -18.31
N GLU A 202 -37.54 -8.89 -19.34
CA GLU A 202 -38.62 -9.02 -20.31
C GLU A 202 -39.98 -9.21 -19.63
N GLY A 203 -40.22 -8.47 -18.56
CA GLY A 203 -41.50 -8.53 -17.88
C GLY A 203 -41.71 -9.69 -16.92
N LYS A 204 -40.74 -10.61 -16.87
CA LYS A 204 -40.84 -11.76 -15.96
C LYS A 204 -40.06 -11.50 -14.66
N ALA A 205 -40.67 -11.84 -13.52
CA ALA A 205 -39.96 -11.81 -12.22
C ALA A 205 -38.91 -12.90 -12.14
N VAL A 206 -37.66 -12.51 -11.86
CA VAL A 206 -36.55 -13.44 -11.83
C VAL A 206 -35.58 -13.13 -10.70
N HIS A 207 -34.95 -14.19 -10.17
CA HIS A 207 -33.81 -14.05 -9.24
C HIS A 207 -32.61 -14.71 -9.85
N VAL A 208 -31.42 -14.31 -9.43
CA VAL A 208 -30.19 -14.92 -9.97
C VAL A 208 -30.18 -16.43 -9.70
N SER A 209 -29.75 -17.19 -10.68
CA SER A 209 -29.60 -18.63 -10.53
C SER A 209 -28.25 -18.95 -9.93
N PRO A 210 -28.16 -20.08 -9.21
CA PRO A 210 -26.88 -20.58 -8.71
C PRO A 210 -25.90 -20.81 -9.85
N GLY A 211 -24.62 -20.52 -9.64
CA GLY A 211 -23.62 -20.87 -10.64
C GLY A 211 -22.26 -20.98 -9.98
N ALA A 212 -21.30 -21.58 -10.66
CA ALA A 212 -19.95 -21.65 -10.05
C ALA A 212 -19.35 -20.28 -9.82
N LEU A 213 -18.75 -20.12 -8.64
CA LEU A 213 -18.08 -18.88 -8.23
C LEU A 213 -19.06 -17.72 -8.22
N ASP A 214 -20.35 -17.99 -8.03
CA ASP A 214 -21.32 -16.93 -8.00
C ASP A 214 -21.12 -15.95 -6.83
N ALA A 215 -20.91 -16.50 -5.64
CA ALA A 215 -20.75 -15.66 -4.45
C ALA A 215 -19.63 -14.65 -4.67
N GLU A 216 -18.54 -15.13 -5.26
CA GLU A 216 -17.31 -14.35 -5.42
C GLU A 216 -17.38 -13.30 -6.51
N ALA A 217 -18.21 -13.55 -7.53
CA ALA A 217 -18.21 -12.67 -8.70
C ALA A 217 -19.44 -11.82 -8.80
N TYR A 218 -20.58 -12.28 -8.30
CA TYR A 218 -21.81 -11.51 -8.57
C TYR A 218 -22.94 -11.83 -7.60
N GLY A 219 -22.66 -12.46 -6.48
CA GLY A 219 -23.77 -12.99 -5.71
C GLY A 219 -24.21 -12.25 -4.44
N VAL A 220 -23.86 -10.98 -4.28
CA VAL A 220 -24.28 -10.28 -3.05
C VAL A 220 -25.63 -9.56 -3.26
N LYS A 221 -26.48 -9.62 -2.24
CA LYS A 221 -27.72 -8.85 -2.20
C LYS A 221 -27.65 -7.90 -1.05
N SER A 222 -28.17 -6.68 -1.21
CA SER A 222 -28.08 -5.70 -0.12
C SER A 222 -29.17 -4.65 -0.24
N THR A 223 -29.29 -3.89 0.83
CA THR A 223 -30.24 -2.77 0.90
C THR A 223 -29.56 -1.45 0.54
N ILE A 224 -30.37 -0.43 0.25
CA ILE A 224 -29.79 0.85 -0.04
C ILE A 224 -29.10 1.44 1.21
N GLU A 225 -29.57 1.11 2.40
CA GLU A 225 -28.92 1.60 3.63
C GLU A 225 -27.54 0.96 3.77
N ASP A 226 -27.47 -0.36 3.61
CA ASP A 226 -26.18 -1.00 3.77
C ASP A 226 -25.23 -0.56 2.66
N MET A 227 -25.75 -0.35 1.45
CA MET A 227 -24.86 0.08 0.38
C MET A 227 -24.33 1.50 0.60
N ALA A 228 -25.18 2.38 1.17
CA ALA A 228 -24.70 3.70 1.57
C ALA A 228 -23.59 3.54 2.59
N ARG A 229 -23.76 2.62 3.53
CA ARG A 229 -22.73 2.43 4.52
C ARG A 229 -21.44 1.86 3.88
N TRP A 230 -21.59 1.00 2.88
CA TRP A 230 -20.45 0.46 2.10
C TRP A 230 -19.71 1.62 1.43
N VAL A 231 -20.45 2.54 0.81
CA VAL A 231 -19.78 3.66 0.19
C VAL A 231 -19.06 4.54 1.24
N GLN A 232 -19.73 4.78 2.37
CA GLN A 232 -19.11 5.57 3.45
C GLN A 232 -17.80 4.92 3.91
N SER A 233 -17.81 3.58 4.02
CA SER A 233 -16.62 2.89 4.54
C SER A 233 -15.50 2.99 3.54
N ASN A 234 -15.85 2.99 2.25
CA ASN A 234 -14.84 3.08 1.19
C ASN A 234 -14.38 4.53 0.92
N LEU A 235 -15.20 5.51 1.28
CA LEU A 235 -14.81 6.91 1.18
C LEU A 235 -13.77 7.28 2.23
N LYS A 236 -13.95 6.72 3.43
CA LYS A 236 -13.16 7.04 4.61
C LYS A 236 -12.73 5.77 5.35
N PRO A 237 -11.81 4.99 4.77
CA PRO A 237 -11.40 3.76 5.48
C PRO A 237 -10.70 4.01 6.82
N LEU A 238 -10.26 5.23 7.08
CA LEU A 238 -9.48 5.39 8.29
C LEU A 238 -10.40 5.41 9.53
N ASP A 239 -11.70 5.61 9.29
CA ASP A 239 -12.69 5.57 10.37
C ASP A 239 -12.97 4.15 10.80
N ILE A 240 -12.45 3.17 10.05
CA ILE A 240 -12.70 1.78 10.35
C ILE A 240 -11.73 1.25 11.41
N ASN A 241 -12.28 0.72 12.50
CA ASN A 241 -11.47 0.30 13.65
C ASN A 241 -10.66 -0.97 13.40
N GLU A 242 -11.17 -1.89 12.57
CA GLU A 242 -10.47 -3.14 12.31
C GLU A 242 -9.32 -2.86 11.36
N LYS A 243 -8.09 -3.02 11.86
CA LYS A 243 -6.90 -2.59 11.13
C LYS A 243 -6.76 -3.27 9.77
N THR A 244 -6.91 -4.58 9.72
CA THR A 244 -6.73 -5.28 8.42
C THR A 244 -7.82 -4.94 7.40
N LEU A 245 -9.03 -4.62 7.88
CA LEU A 245 -10.09 -4.29 6.97
C LEU A 245 -9.86 -2.88 6.42
N GLN A 246 -9.41 -1.98 7.29
CA GLN A 246 -9.06 -0.63 6.84
C GLN A 246 -8.00 -0.70 5.74
N GLN A 247 -6.99 -1.52 5.97
CA GLN A 247 -5.93 -1.71 5.00
C GLN A 247 -6.42 -2.36 3.70
N GLY A 248 -7.31 -3.35 3.86
CA GLY A 248 -7.92 -4.04 2.72
C GLY A 248 -8.65 -3.07 1.81
N ILE A 249 -9.41 -2.17 2.41
CA ILE A 249 -10.12 -1.16 1.64
C ILE A 249 -9.13 -0.30 0.87
N GLN A 250 -8.08 0.13 1.54
CA GLN A 250 -7.05 0.93 0.88
C GLN A 250 -6.43 0.13 -0.28
N LEU A 251 -6.12 -1.14 -0.06
CA LEU A 251 -5.52 -1.93 -1.13
C LEU A 251 -6.44 -2.10 -2.34
N ALA A 252 -7.74 -2.18 -2.10
CA ALA A 252 -8.66 -2.41 -3.19
C ALA A 252 -8.78 -1.17 -4.08
N GLN A 253 -8.44 0.01 -3.55
CA GLN A 253 -8.47 1.25 -4.36
C GLN A 253 -7.08 1.64 -4.86
N SER A 254 -6.11 0.76 -4.67
CA SER A 254 -4.79 1.04 -5.26
C SER A 254 -4.88 0.87 -6.77
N ARG A 255 -4.01 1.53 -7.53
CA ARG A 255 -4.09 1.42 -8.99
C ARG A 255 -3.02 0.46 -9.53
N TYR A 256 -3.47 -0.67 -10.09
CA TYR A 256 -2.57 -1.78 -10.48
C TYR A 256 -2.25 -1.78 -11.97
N TRP A 257 -3.23 -1.33 -12.77
CA TRP A 257 -3.08 -1.34 -14.21
C TRP A 257 -3.82 -0.16 -14.79
N GLN A 258 -3.33 0.33 -15.91
CA GLN A 258 -4.02 1.40 -16.61
C GLN A 258 -4.43 0.95 -18.00
N THR A 259 -5.69 1.21 -18.36
CA THR A 259 -6.11 1.07 -19.75
C THR A 259 -6.93 2.30 -20.16
N GLY A 260 -6.45 3.02 -21.18
CA GLY A 260 -7.03 4.28 -21.50
C GLY A 260 -6.96 5.17 -20.28
N ASP A 261 -8.08 5.78 -19.89
CA ASP A 261 -8.01 6.63 -18.71
C ASP A 261 -8.55 5.93 -17.44
N MET A 262 -8.74 4.63 -17.50
CA MET A 262 -9.19 3.92 -16.29
C MET A 262 -8.06 3.14 -15.60
N TYR A 263 -8.17 3.01 -14.29
CA TYR A 263 -7.19 2.25 -13.53
C TYR A 263 -7.91 1.12 -12.88
N GLN A 264 -7.29 -0.06 -12.89
CA GLN A 264 -7.94 -1.21 -12.27
C GLN A 264 -7.51 -1.41 -10.80
N GLY A 265 -8.48 -1.46 -9.90
CA GLY A 265 -8.23 -1.76 -8.47
C GLY A 265 -8.58 -3.21 -8.20
N LEU A 266 -8.86 -3.54 -6.95
CA LEU A 266 -9.35 -4.90 -6.68
C LEU A 266 -10.87 -4.72 -6.56
N GLY A 267 -11.56 -5.16 -7.60
CA GLY A 267 -13.02 -4.95 -7.66
C GLY A 267 -13.34 -3.52 -8.15
N TRP A 268 -12.99 -2.50 -7.37
CA TRP A 268 -13.19 -1.13 -7.81
C TRP A 268 -12.39 -0.79 -9.06
N GLU A 269 -12.93 0.17 -9.83
CA GLU A 269 -12.23 0.77 -10.95
C GLU A 269 -12.18 2.25 -10.68
N MET A 270 -11.13 2.91 -11.15
CA MET A 270 -10.95 4.31 -10.77
C MET A 270 -10.54 5.17 -11.94
N LEU A 271 -10.91 6.43 -11.91
CA LEU A 271 -10.38 7.42 -12.88
C LEU A 271 -9.97 8.68 -12.13
N ASP A 272 -9.07 9.46 -12.68
CA ASP A 272 -8.75 10.73 -12.03
C ASP A 272 -9.94 11.67 -12.02
N TRP A 273 -10.13 12.39 -10.90
CA TRP A 273 -11.15 13.41 -10.80
C TRP A 273 -10.44 14.76 -10.92
N PRO A 274 -10.99 15.69 -11.71
CA PRO A 274 -12.27 15.59 -12.42
C PRO A 274 -12.16 14.68 -13.61
N VAL A 275 -13.26 14.02 -13.92
CA VAL A 275 -13.29 13.05 -14.98
C VAL A 275 -13.89 13.77 -16.13
N ASN A 276 -13.66 13.20 -17.30
CA ASN A 276 -14.43 13.62 -18.44
C ASN A 276 -15.65 12.72 -18.44
N PRO A 277 -16.85 13.31 -18.30
CA PRO A 277 -18.06 12.49 -18.21
C PRO A 277 -18.30 11.56 -19.40
N ASP A 278 -17.97 12.00 -20.62
CA ASP A 278 -18.09 11.12 -21.79
C ASP A 278 -17.20 9.91 -21.64
N SER A 279 -16.06 10.09 -21.00
CA SER A 279 -15.14 9.01 -20.81
C SER A 279 -15.66 7.94 -19.86
N ILE A 280 -16.24 8.33 -18.73
CA ILE A 280 -16.83 7.32 -17.83
C ILE A 280 -18.18 6.84 -18.35
N ILE A 281 -18.95 7.73 -18.99
CA ILE A 281 -20.26 7.32 -19.49
C ILE A 281 -20.12 6.34 -20.65
N ASN A 282 -19.42 6.75 -21.71
CA ASN A 282 -19.19 5.83 -22.83
C ASN A 282 -18.35 4.64 -22.39
N GLY A 283 -17.40 4.85 -21.49
CA GLY A 283 -16.56 3.77 -21.02
C GLY A 283 -17.29 2.67 -20.28
N SER A 284 -18.48 2.98 -19.74
CA SER A 284 -19.25 2.02 -18.98
C SER A 284 -20.07 1.05 -19.85
N ASP A 285 -20.31 1.46 -21.08
CA ASP A 285 -21.03 0.63 -22.03
C ASP A 285 -20.26 -0.67 -22.12
N ASN A 286 -20.97 -1.79 -22.14
CA ASN A 286 -20.34 -3.11 -22.21
C ASN A 286 -19.50 -3.28 -23.46
N LYS A 287 -19.79 -2.49 -24.51
CA LYS A 287 -18.97 -2.46 -25.73
C LYS A 287 -17.49 -2.15 -25.45
N ILE A 288 -17.24 -1.36 -24.40
CA ILE A 288 -15.87 -1.06 -23.99
C ILE A 288 -15.49 -1.83 -22.71
N ALA A 289 -16.43 -1.91 -21.79
CA ALA A 289 -16.15 -2.46 -20.46
C ALA A 289 -15.82 -3.95 -20.49
N LEU A 290 -16.46 -4.68 -21.39
CA LEU A 290 -16.21 -6.10 -21.54
C LEU A 290 -15.20 -6.48 -22.65
N ALA A 291 -14.63 -5.48 -23.33
CA ALA A 291 -13.68 -5.70 -24.43
C ALA A 291 -12.26 -6.09 -23.93
N ALA A 292 -11.48 -6.79 -24.77
CA ALA A 292 -10.08 -7.10 -24.45
C ALA A 292 -9.25 -5.85 -24.75
N ARG A 293 -8.49 -5.36 -23.78
CA ARG A 293 -7.69 -4.15 -23.94
C ARG A 293 -6.28 -4.31 -23.38
N PRO A 294 -5.26 -3.81 -24.11
CA PRO A 294 -3.90 -3.86 -23.55
C PRO A 294 -3.81 -3.04 -22.26
N VAL A 295 -3.04 -3.52 -21.29
CA VAL A 295 -2.84 -2.76 -20.05
C VAL A 295 -1.38 -2.36 -19.85
N LYS A 296 -1.20 -1.24 -19.18
CA LYS A 296 0.10 -0.79 -18.72
C LYS A 296 0.16 -1.11 -17.23
N ALA A 297 1.21 -1.82 -16.82
CA ALA A 297 1.37 -2.11 -15.42
C ALA A 297 1.77 -0.84 -14.72
N ILE A 298 1.25 -0.66 -13.52
CA ILE A 298 1.63 0.44 -12.67
C ILE A 298 2.56 -0.15 -11.62
N THR A 299 3.84 0.13 -11.80
CA THR A 299 4.92 -0.58 -11.12
C THR A 299 5.71 0.37 -10.23
N PRO A 300 5.48 0.39 -8.91
CA PRO A 300 4.49 -0.35 -8.12
C PRO A 300 3.14 0.36 -8.16
N PRO A 301 2.10 -0.33 -7.68
CA PRO A 301 0.73 0.24 -7.70
C PRO A 301 0.67 1.54 -6.94
N THR A 302 -0.11 2.49 -7.45
CA THR A 302 -0.25 3.75 -6.75
C THR A 302 -1.25 3.55 -5.63
N PRO A 303 -0.94 4.06 -4.43
CA PRO A 303 -1.92 3.84 -3.35
C PRO A 303 -3.14 4.66 -3.66
N ALA A 304 -4.25 4.34 -2.99
CA ALA A 304 -5.52 5.00 -3.28
C ALA A 304 -5.41 6.52 -3.41
N VAL A 305 -5.76 7.03 -4.59
CA VAL A 305 -5.78 8.46 -4.84
C VAL A 305 -7.12 9.08 -4.41
N ARG A 306 -7.08 10.11 -3.57
CA ARG A 306 -8.30 10.70 -3.03
C ARG A 306 -9.12 11.45 -4.09
N ALA A 307 -8.45 12.16 -4.99
CA ALA A 307 -9.09 12.77 -6.16
C ALA A 307 -9.37 11.76 -7.29
N SER A 308 -10.27 10.82 -7.05
CA SER A 308 -10.61 9.81 -8.04
C SER A 308 -12.09 9.73 -8.08
N TRP A 309 -12.60 9.32 -9.24
CA TRP A 309 -13.95 8.81 -9.35
C TRP A 309 -13.76 7.31 -9.23
N VAL A 310 -14.32 6.72 -8.17
CA VAL A 310 -14.16 5.29 -7.93
C VAL A 310 -15.53 4.69 -8.16
N HIS A 311 -15.63 3.65 -8.95
CA HIS A 311 -16.97 3.16 -9.25
C HIS A 311 -16.98 1.71 -9.64
N LYS A 312 -18.19 1.18 -9.72
CA LYS A 312 -18.42 -0.14 -10.28
C LYS A 312 -19.86 -0.29 -10.74
N THR A 313 -20.04 -0.82 -11.94
CA THR A 313 -21.39 -1.18 -12.42
C THR A 313 -21.66 -2.66 -12.11
N GLY A 314 -22.92 -3.06 -12.01
CA GLY A 314 -23.16 -4.49 -11.81
C GLY A 314 -24.55 -4.87 -12.22
N ALA A 315 -24.75 -6.08 -12.73
CA ALA A 315 -26.08 -6.47 -13.13
C ALA A 315 -26.24 -7.94 -12.92
N THR A 316 -27.48 -8.38 -12.79
CA THR A 316 -27.82 -9.77 -12.95
C THR A 316 -28.93 -9.76 -14.01
N GLY A 317 -29.55 -10.90 -14.26
CA GLY A 317 -30.52 -10.95 -15.35
C GLY A 317 -31.66 -9.95 -15.10
N GLY A 318 -31.96 -9.69 -13.82
CA GLY A 318 -33.11 -8.89 -13.43
C GLY A 318 -32.82 -7.59 -12.71
N PHE A 319 -31.55 -7.27 -12.49
CA PHE A 319 -31.16 -6.11 -11.67
C PHE A 319 -30.03 -5.34 -12.31
N GLY A 320 -29.98 -4.04 -12.02
CA GLY A 320 -28.92 -3.19 -12.50
C GLY A 320 -28.53 -2.25 -11.37
N SER A 321 -27.24 -2.21 -11.05
CA SER A 321 -26.74 -1.43 -9.93
CA SER A 321 -26.74 -1.45 -9.93
C SER A 321 -25.55 -0.60 -10.35
N TYR A 322 -25.31 0.47 -9.60
CA TYR A 322 -24.12 1.26 -9.84
C TYR A 322 -23.71 1.96 -8.56
N VAL A 323 -22.40 2.06 -8.30
CA VAL A 323 -21.96 2.78 -7.13
C VAL A 323 -20.81 3.63 -7.62
N ALA A 324 -20.75 4.88 -7.17
CA ALA A 324 -19.60 5.73 -7.54
C ALA A 324 -19.35 6.67 -6.37
N PHE A 325 -18.08 7.05 -6.15
CA PHE A 325 -17.76 8.00 -5.10
C PHE A 325 -16.45 8.71 -5.37
N ILE A 326 -16.32 9.87 -4.74
CA ILE A 326 -15.13 10.69 -4.88
C ILE A 326 -14.59 11.00 -3.49
N PRO A 327 -13.56 10.26 -3.06
CA PRO A 327 -13.05 10.40 -1.69
C PRO A 327 -12.79 11.83 -1.30
N GLU A 328 -12.11 12.58 -2.15
CA GLU A 328 -11.68 13.90 -1.75
C GLU A 328 -12.84 14.86 -1.57
N LYS A 329 -14.03 14.50 -2.06
CA LYS A 329 -15.17 15.39 -1.87
C LYS A 329 -16.20 14.83 -0.91
N GLU A 330 -15.91 13.68 -0.32
CA GLU A 330 -16.84 13.06 0.63
C GLU A 330 -18.22 12.86 0.01
N LEU A 331 -18.22 12.47 -1.27
CA LEU A 331 -19.42 12.45 -2.08
C LEU A 331 -19.56 11.09 -2.74
N GLY A 332 -20.76 10.52 -2.71
CA GLY A 332 -20.98 9.28 -3.43
C GLY A 332 -22.43 9.02 -3.74
N ILE A 333 -22.66 7.98 -4.53
CA ILE A 333 -24.02 7.61 -4.86
C ILE A 333 -24.13 6.11 -5.04
N VAL A 334 -25.30 5.58 -4.70
CA VAL A 334 -25.62 4.19 -4.97
C VAL A 334 -26.95 4.23 -5.70
N MET A 335 -27.03 3.49 -6.79
CA MET A 335 -28.28 3.38 -7.54
C MET A 335 -28.62 1.90 -7.69
N LEU A 336 -29.75 1.46 -7.12
CA LEU A 336 -30.13 0.05 -7.19
C LEU A 336 -31.47 -0.07 -7.89
N ALA A 337 -31.53 -0.90 -8.91
CA ALA A 337 -32.77 -1.05 -9.68
C ALA A 337 -33.07 -2.52 -9.95
N ASN A 338 -34.36 -2.86 -10.01
CA ASN A 338 -34.72 -4.23 -10.33
C ASN A 338 -35.10 -4.37 -11.80
N LYS A 339 -34.28 -3.77 -12.66
CA LYS A 339 -34.23 -4.06 -14.08
C LYS A 339 -32.77 -3.86 -14.47
N ASN A 340 -32.24 -4.74 -15.31
CA ASN A 340 -30.89 -4.52 -15.86
C ASN A 340 -31.03 -3.59 -17.06
N TYR A 341 -30.73 -2.31 -16.88
CA TYR A 341 -30.89 -1.28 -17.93
C TYR A 341 -29.47 -0.80 -18.27
N PRO A 342 -29.27 -0.18 -19.45
CA PRO A 342 -27.87 -0.01 -19.94
C PRO A 342 -26.94 0.78 -19.01
N ASN A 343 -25.70 0.31 -18.85
CA ASN A 343 -24.75 1.01 -18.00
C ASN A 343 -24.65 2.53 -18.27
N PRO A 344 -24.55 2.96 -19.54
CA PRO A 344 -24.28 4.38 -19.72
C PRO A 344 -25.36 5.24 -19.13
N ALA A 345 -26.60 4.75 -19.14
CA ALA A 345 -27.67 5.48 -18.49
C ALA A 345 -27.42 5.64 -17.00
N ARG A 346 -26.88 4.60 -16.35
CA ARG A 346 -26.59 4.67 -14.93
C ARG A 346 -25.51 5.70 -14.67
N VAL A 347 -24.44 5.64 -15.47
CA VAL A 347 -23.32 6.49 -15.19
C VAL A 347 -23.67 7.95 -15.53
N ASP A 348 -24.43 8.14 -16.60
CA ASP A 348 -24.89 9.48 -16.93
C ASP A 348 -25.68 10.10 -15.76
N ALA A 349 -26.64 9.35 -15.22
CA ALA A 349 -27.44 9.84 -14.11
C ALA A 349 -26.59 10.13 -12.88
N ALA A 350 -25.70 9.19 -12.53
CA ALA A 350 -24.79 9.40 -11.42
C ALA A 350 -23.93 10.64 -11.59
N TRP A 351 -23.38 10.84 -12.79
CA TRP A 351 -22.53 12.00 -12.99
C TRP A 351 -23.30 13.31 -12.91
N GLN A 352 -24.51 13.33 -13.45
CA GLN A 352 -25.35 14.50 -13.42
C GLN A 352 -25.61 14.85 -11.95
N ILE A 353 -25.88 13.83 -11.12
CA ILE A 353 -26.15 14.09 -9.71
C ILE A 353 -24.88 14.56 -8.97
N LEU A 354 -23.80 13.79 -9.06
CA LEU A 354 -22.59 14.16 -8.30
C LEU A 354 -21.99 15.47 -8.80
N ASN A 355 -22.03 15.70 -10.11
CA ASN A 355 -21.46 16.93 -10.64
C ASN A 355 -22.18 18.14 -10.04
N ALA A 356 -23.50 18.04 -9.93
CA ALA A 356 -24.30 19.15 -9.43
C ALA A 356 -24.04 19.43 -7.95
N LEU A 357 -23.67 18.39 -7.20
CA LEU A 357 -23.45 18.52 -5.77
C LEU A 357 -22.01 18.83 -5.42
N GLN A 358 -21.11 18.64 -6.37
CA GLN A 358 -19.67 18.69 -6.07
C GLN A 358 -19.18 20.11 -5.82
N ALA B 1 14.28 0.05 34.36
CA ALA B 1 14.25 -1.04 33.38
C ALA B 1 14.14 -2.41 34.07
N PRO B 2 13.34 -3.32 33.47
CA PRO B 2 13.35 -4.72 33.91
C PRO B 2 14.79 -5.25 34.05
N GLN B 3 14.99 -6.10 35.03
CA GLN B 3 16.30 -6.65 35.29
C GLN B 3 16.80 -7.40 34.05
N GLN B 4 15.88 -8.05 33.35
CA GLN B 4 16.21 -8.83 32.17
C GLN B 4 16.89 -7.96 31.12
N ILE B 5 16.34 -6.78 30.88
CA ILE B 5 16.92 -5.85 29.91
C ILE B 5 18.27 -5.32 30.37
N ASN B 6 18.36 -4.87 31.63
CA ASN B 6 19.62 -4.34 32.11
C ASN B 6 20.72 -5.38 32.00
N ASP B 7 20.38 -6.64 32.33
CA ASP B 7 21.37 -7.70 32.31
C ASP B 7 21.88 -7.99 30.89
N ILE B 8 20.97 -8.17 29.93
CA ILE B 8 21.42 -8.53 28.59
C ILE B 8 22.14 -7.36 27.90
N VAL B 9 21.69 -6.13 28.14
CA VAL B 9 22.37 -5.00 27.53
C VAL B 9 23.79 -4.87 28.08
N HIS B 10 23.91 -5.05 29.39
CA HIS B 10 25.18 -4.80 30.05
C HIS B 10 26.17 -5.85 29.60
N ARG B 11 25.72 -7.11 29.58
CA ARG B 11 26.61 -8.20 29.23
C ARG B 11 26.98 -8.20 27.77
N THR B 12 26.18 -7.52 26.93
CA THR B 12 26.40 -7.52 25.49
C THR B 12 27.13 -6.27 25.00
N ILE B 13 26.66 -5.10 25.40
CA ILE B 13 27.24 -3.85 24.94
C ILE B 13 28.57 -3.48 25.60
N THR B 14 28.75 -3.74 26.89
CA THR B 14 30.01 -3.35 27.51
C THR B 14 31.25 -4.05 26.90
N PRO B 15 31.20 -5.37 26.68
CA PRO B 15 32.41 -5.89 26.02
C PRO B 15 32.53 -5.47 24.57
N LEU B 16 31.43 -5.15 23.90
CA LEU B 16 31.51 -4.55 22.57
C LEU B 16 32.33 -3.26 22.64
N ILE B 17 32.01 -2.43 23.62
CA ILE B 17 32.64 -1.13 23.73
C ILE B 17 34.12 -1.32 23.99
N GLU B 18 34.45 -2.33 24.78
CA GLU B 18 35.84 -2.64 25.11
C GLU B 18 36.60 -3.18 23.90
N GLN B 19 35.98 -4.15 23.22
CA GLN B 19 36.58 -4.83 22.09
C GLN B 19 36.84 -3.89 20.92
N GLN B 20 35.90 -2.98 20.68
CA GLN B 20 35.96 -2.12 19.51
C GLN B 20 36.54 -0.75 19.84
N LYS B 21 36.89 -0.55 21.12
CA LYS B 21 37.43 0.72 21.59
C LYS B 21 36.55 1.94 21.26
N ILE B 22 35.27 1.78 21.53
CA ILE B 22 34.29 2.83 21.29
C ILE B 22 34.35 3.89 22.39
N PRO B 23 34.58 5.16 22.00
CA PRO B 23 34.74 6.18 23.04
C PRO B 23 33.42 6.49 23.78
N GLY B 24 32.33 6.46 23.05
CA GLY B 24 31.04 6.81 23.60
C GLY B 24 29.93 6.10 22.86
N MET B 25 28.88 5.75 23.59
CA MET B 25 27.80 4.96 22.98
C MET B 25 26.49 5.15 23.72
N ALA B 26 25.38 5.17 22.97
CA ALA B 26 24.08 5.21 23.60
C ALA B 26 23.27 4.10 22.95
N VAL B 27 22.46 3.44 23.77
CA VAL B 27 21.60 2.39 23.25
C VAL B 27 20.21 2.60 23.82
N ALA B 28 19.20 2.35 23.00
CA ALA B 28 17.81 2.32 23.48
C ALA B 28 17.26 0.95 23.16
N VAL B 29 16.56 0.35 24.12
CA VAL B 29 15.83 -0.88 23.83
C VAL B 29 14.35 -0.53 23.98
N ILE B 30 13.57 -0.87 22.97
CA ILE B 30 12.13 -0.71 23.05
C ILE B 30 11.56 -2.09 23.35
N TYR B 31 10.85 -2.19 24.48
CA TYR B 31 10.37 -3.49 24.94
C TYR B 31 8.92 -3.32 25.31
N GLN B 32 8.08 -4.18 24.73
CA GLN B 32 6.62 -4.02 24.78
C GLN B 32 6.31 -2.56 24.54
N GLY B 33 6.95 -2.02 23.49
CA GLY B 33 6.73 -0.65 23.04
C GLY B 33 7.31 0.50 23.89
N LYS B 34 7.87 0.20 25.06
CA LYS B 34 8.40 1.26 25.94
C LYS B 34 9.93 1.35 25.83
N PRO B 35 10.48 2.58 25.86
CA PRO B 35 11.94 2.72 25.71
C PRO B 35 12.72 2.65 27.02
N TYR B 36 13.89 2.04 26.94
CA TYR B 36 14.84 1.98 28.04
C TYR B 36 16.20 2.41 27.52
N TYR B 37 16.91 3.26 28.27
CA TYR B 37 18.10 3.88 27.73
C TYR B 37 19.33 3.53 28.49
N PHE B 38 20.47 3.59 27.80
CA PHE B 38 21.73 3.23 28.43
C PHE B 38 22.78 4.09 27.77
N THR B 39 23.72 4.60 28.55
CA THR B 39 24.79 5.43 27.97
C THR B 39 26.13 5.08 28.60
N TRP B 40 27.20 5.32 27.85
CA TRP B 40 28.54 4.98 28.31
C TRP B 40 29.51 5.97 27.70
N GLY B 41 30.58 6.29 28.41
CA GLY B 41 31.68 6.95 27.74
C GLY B 41 31.47 8.42 27.44
N TYR B 42 32.28 8.91 26.50
CA TYR B 42 32.37 10.32 26.20
C TYR B 42 31.84 10.68 24.83
N ALA B 43 31.08 11.77 24.78
CA ALA B 43 30.70 12.45 23.53
C ALA B 43 31.88 13.26 22.99
N ASP B 44 32.67 13.82 23.91
CA ASP B 44 33.86 14.60 23.58
C ASP B 44 34.95 14.16 24.57
N ILE B 45 35.95 13.46 24.07
CA ILE B 45 36.98 12.87 24.94
C ILE B 45 37.77 13.95 25.66
N ALA B 46 38.18 14.97 24.92
CA ALA B 46 39.08 15.98 25.47
C ALA B 46 38.37 16.82 26.52
N LYS B 47 37.12 17.17 26.27
CA LYS B 47 36.36 17.94 27.23
C LYS B 47 35.84 17.01 28.31
N LYS B 48 36.15 15.72 28.17
CA LYS B 48 35.55 14.67 28.99
C LYS B 48 34.05 14.89 29.17
N GLN B 49 33.36 15.08 28.05
CA GLN B 49 31.91 15.28 28.05
C GLN B 49 31.20 13.94 27.89
N PRO B 50 30.43 13.52 28.92
CA PRO B 50 29.69 12.26 28.91
C PRO B 50 28.67 12.22 27.77
N VAL B 51 28.50 11.03 27.20
CA VAL B 51 27.32 10.78 26.37
C VAL B 51 26.13 10.83 27.32
N THR B 52 25.10 11.56 26.94
CA THR B 52 23.87 11.56 27.68
C THR B 52 22.75 11.21 26.69
N GLN B 53 21.53 11.21 27.19
CA GLN B 53 20.42 10.94 26.32
C GLN B 53 20.09 12.11 25.41
N GLN B 54 20.72 13.26 25.67
CA GLN B 54 20.58 14.45 24.82
C GLN B 54 21.71 14.62 23.80
N THR B 55 22.68 13.69 23.82
CA THR B 55 23.80 13.74 22.87
C THR B 55 23.37 13.41 21.43
N LEU B 56 23.73 14.27 20.47
CA LEU B 56 23.47 13.97 19.06
C LEU B 56 24.61 13.20 18.42
N PHE B 57 24.26 12.14 17.69
CA PHE B 57 25.21 11.32 16.96
C PHE B 57 24.88 11.46 15.49
N GLU B 58 25.89 11.33 14.63
CA GLU B 58 25.65 11.25 13.18
C GLU B 58 25.09 9.88 12.88
N LEU B 59 23.93 9.84 12.24
CA LEU B 59 23.30 8.55 11.91
C LEU B 59 23.90 7.92 10.69
N GLY B 60 24.56 8.73 9.85
CA GLY B 60 25.10 8.20 8.62
C GLY B 60 23.97 7.61 7.81
N SER B 61 24.18 6.42 7.22
CA SER B 61 23.16 5.84 6.34
C SER B 61 21.85 5.42 6.99
N VAL B 62 21.77 5.42 8.31
CA VAL B 62 20.45 5.25 8.96
C VAL B 62 19.51 6.40 8.55
N SER B 63 20.10 7.51 8.12
CA SER B 63 19.31 8.61 7.54
C SER B 63 18.40 8.18 6.40
N LYS B 64 18.81 7.15 5.65
CA LYS B 64 18.02 6.68 4.52
C LYS B 64 16.64 6.21 4.97
N THR B 65 16.51 5.80 6.23
CA THR B 65 15.20 5.42 6.74
C THR B 65 14.29 6.66 6.81
N PHE B 66 14.85 7.81 7.19
CA PHE B 66 14.05 9.03 7.17
C PHE B 66 13.72 9.43 5.75
N THR B 67 14.70 9.33 4.84
CA THR B 67 14.41 9.66 3.43
C THR B 67 13.32 8.75 2.86
N GLY B 68 13.32 7.46 3.23
CA GLY B 68 12.35 6.55 2.65
C GLY B 68 10.94 6.88 3.15
N VAL B 69 10.82 7.20 4.44
CA VAL B 69 9.56 7.54 5.07
C VAL B 69 9.05 8.88 4.51
N LEU B 70 9.96 9.83 4.29
CA LEU B 70 9.56 11.13 3.70
C LEU B 70 9.07 10.92 2.27
N GLY B 71 9.76 10.03 1.54
CA GLY B 71 9.29 9.67 0.21
C GLY B 71 7.92 9.01 0.27
N GLY B 72 7.77 8.13 1.24
CA GLY B 72 6.49 7.47 1.45
C GLY B 72 5.38 8.46 1.75
N ASP B 73 5.65 9.43 2.61
CA ASP B 73 4.65 10.46 2.91
C ASP B 73 4.27 11.27 1.65
N ALA B 74 5.26 11.56 0.79
CA ALA B 74 4.99 12.30 -0.44
C ALA B 74 4.12 11.45 -1.41
N ILE B 75 4.33 10.15 -1.43
CA ILE B 75 3.47 9.28 -2.23
C ILE B 75 2.06 9.33 -1.66
N ALA B 76 1.95 9.18 -0.34
CA ALA B 76 0.63 9.25 0.33
C ALA B 76 -0.09 10.57 0.05
N ARG B 77 0.67 11.67 -0.04
CA ARG B 77 0.10 13.01 -0.36
C ARG B 77 -0.32 13.16 -1.83
N GLY B 78 -0.05 12.15 -2.65
CA GLY B 78 -0.32 12.27 -4.06
C GLY B 78 0.67 13.16 -4.80
N GLU B 79 1.80 13.50 -4.17
CA GLU B 79 2.78 14.38 -4.81
C GLU B 79 3.67 13.67 -5.82
N ILE B 80 4.00 12.41 -5.52
CA ILE B 80 4.82 11.62 -6.41
C ILE B 80 4.26 10.19 -6.48
N LYS B 81 4.67 9.47 -7.52
CA LYS B 81 4.39 8.02 -7.61
C LYS B 81 5.68 7.33 -7.87
N LEU B 82 5.88 6.15 -7.24
CA LEU B 82 7.16 5.48 -7.45
C LEU B 82 7.27 4.93 -8.85
N SER B 83 6.12 4.78 -9.51
CA SER B 83 6.10 4.27 -10.88
C SER B 83 6.50 5.33 -11.91
N ASP B 84 6.61 6.58 -11.47
CA ASP B 84 6.92 7.65 -12.42
C ASP B 84 8.39 7.66 -12.84
N PRO B 85 8.65 8.00 -14.10
CA PRO B 85 10.04 8.18 -14.55
C PRO B 85 10.70 9.29 -13.77
N THR B 86 12.00 9.12 -13.55
CA THR B 86 12.81 10.13 -12.88
C THR B 86 12.67 11.46 -13.59
N THR B 87 12.57 11.41 -14.91
CA THR B 87 12.54 12.65 -15.69
C THR B 87 11.28 13.48 -15.48
N LYS B 88 10.24 12.89 -14.90
CA LYS B 88 9.02 13.66 -14.65
C LYS B 88 9.31 14.76 -13.63
N TYR B 89 10.23 14.49 -12.71
CA TYR B 89 10.52 15.41 -11.62
C TYR B 89 11.84 16.14 -11.87
N TRP B 90 12.61 15.69 -12.86
CA TRP B 90 13.83 16.38 -13.28
C TRP B 90 13.86 16.48 -14.79
N PRO B 91 13.09 17.42 -15.34
CA PRO B 91 12.89 17.49 -16.79
C PRO B 91 14.21 17.72 -17.53
N GLU B 92 15.18 18.34 -16.87
CA GLU B 92 16.48 18.61 -17.47
C GLU B 92 17.32 17.32 -17.67
N LEU B 93 16.90 16.23 -17.05
CA LEU B 93 17.62 14.95 -17.19
C LEU B 93 17.18 14.24 -18.47
N THR B 94 17.76 14.62 -19.60
CA THR B 94 17.24 14.19 -20.89
C THR B 94 18.01 13.05 -21.56
N ALA B 95 19.14 12.65 -21.00
CA ALA B 95 19.99 11.67 -21.66
C ALA B 95 19.25 10.33 -21.74
N LYS B 96 19.44 9.64 -22.86
CA LYS B 96 18.63 8.49 -23.24
C LYS B 96 18.68 7.32 -22.27
N GLN B 97 19.77 7.19 -21.52
CA GLN B 97 19.90 6.06 -20.59
C GLN B 97 18.95 6.13 -19.41
N TRP B 98 18.26 7.26 -19.27
CA TRP B 98 17.34 7.48 -18.16
C TRP B 98 15.94 6.99 -18.50
N ASN B 99 15.74 6.63 -19.76
CA ASN B 99 14.44 6.09 -20.14
C ASN B 99 14.13 4.81 -19.37
N GLY B 100 12.96 4.78 -18.76
CA GLY B 100 12.60 3.61 -18.00
C GLY B 100 13.19 3.49 -16.59
N ILE B 101 13.96 4.48 -16.15
CA ILE B 101 14.41 4.52 -14.75
C ILE B 101 13.45 5.34 -13.89
N THR B 102 12.77 4.68 -12.94
CA THR B 102 11.68 5.31 -12.19
C THR B 102 12.15 5.71 -10.80
N LEU B 103 11.29 6.45 -10.08
CA LEU B 103 11.63 6.81 -8.72
C LEU B 103 11.77 5.53 -7.89
N LEU B 104 10.95 4.50 -8.14
CA LEU B 104 11.19 3.20 -7.48
C LEU B 104 12.64 2.75 -7.62
N HIS B 105 13.15 2.77 -8.84
CA HIS B 105 14.54 2.32 -9.05
C HIS B 105 15.52 3.14 -8.23
N LEU B 106 15.35 4.47 -8.23
CA LEU B 106 16.27 5.28 -7.40
C LEU B 106 16.17 4.95 -5.92
N ALA B 107 14.95 4.82 -5.41
CA ALA B 107 14.74 4.66 -3.98
C ALA B 107 15.32 3.35 -3.47
N THR B 108 15.36 2.35 -4.34
CA THR B 108 15.71 0.97 -3.92
C THR B 108 17.05 0.46 -4.49
N TYR B 109 17.83 1.36 -5.08
CA TYR B 109 19.19 1.07 -5.58
C TYR B 109 19.18 0.14 -6.81
N THR B 110 18.09 0.17 -7.58
CA THR B 110 17.94 -0.76 -8.70
C THR B 110 17.95 -0.09 -10.07
N ALA B 111 18.46 1.13 -10.12
CA ALA B 111 18.47 1.88 -11.37
C ALA B 111 19.43 1.27 -12.38
N GLY B 112 20.39 0.46 -11.92
CA GLY B 112 21.32 -0.18 -12.83
C GLY B 112 22.77 0.19 -12.61
N GLY B 113 23.15 0.40 -11.35
CA GLY B 113 24.56 0.61 -11.03
C GLY B 113 24.98 2.06 -10.84
N LEU B 114 24.08 2.89 -10.33
CA LEU B 114 24.46 4.23 -9.90
C LEU B 114 25.50 3.99 -8.78
N PRO B 115 26.53 4.85 -8.70
CA PRO B 115 27.65 4.50 -7.81
C PRO B 115 27.40 4.76 -6.33
N LEU B 116 28.13 4.03 -5.49
CA LEU B 116 28.00 4.14 -4.05
C LEU B 116 28.04 5.59 -3.58
N GLN B 117 29.05 6.33 -4.06
CA GLN B 117 29.11 7.75 -3.73
C GLN B 117 28.92 8.64 -4.94
N VAL B 118 28.39 9.82 -4.70
CA VAL B 118 28.51 10.90 -5.67
C VAL B 118 29.95 11.36 -5.57
N PRO B 119 30.65 11.44 -6.73
CA PRO B 119 32.06 11.84 -6.71
C PRO B 119 32.27 13.11 -5.88
N ASP B 120 33.41 13.20 -5.21
CA ASP B 120 33.62 14.29 -4.25
C ASP B 120 33.66 15.65 -4.93
N GLU B 121 34.02 15.67 -6.21
CA GLU B 121 34.14 16.94 -6.93
C GLU B 121 32.80 17.48 -7.39
N VAL B 122 31.75 16.69 -7.24
CA VAL B 122 30.42 17.17 -7.61
C VAL B 122 29.90 17.99 -6.44
N LYS B 123 29.60 19.24 -6.71
CA LYS B 123 29.20 20.15 -5.66
C LYS B 123 27.88 20.85 -6.00
N SER B 124 27.91 21.58 -7.11
CA SER B 124 26.83 22.47 -7.51
C SER B 124 25.74 21.70 -8.22
N SER B 125 24.58 22.33 -8.35
CA SER B 125 23.46 21.68 -9.02
C SER B 125 23.83 21.36 -10.46
N SER B 126 24.59 22.27 -11.04
CA SER B 126 25.12 22.09 -12.37
C SER B 126 26.03 20.84 -12.46
N ASP B 127 26.94 20.69 -11.52
CA ASP B 127 27.81 19.50 -11.47
C ASP B 127 26.96 18.24 -11.36
N LEU B 128 25.87 18.33 -10.60
CA LEU B 128 25.05 17.17 -10.31
C LEU B 128 24.31 16.74 -11.57
N LEU B 129 23.73 17.69 -12.30
CA LEU B 129 23.11 17.36 -13.56
C LEU B 129 24.11 16.69 -14.52
N ARG B 130 25.30 17.26 -14.61
CA ARG B 130 26.31 16.72 -15.50
C ARG B 130 26.67 15.28 -15.11
N PHE B 131 26.80 15.03 -13.83
CA PHE B 131 27.12 13.70 -13.32
C PHE B 131 26.06 12.66 -13.74
N TYR B 132 24.79 12.95 -13.49
CA TYR B 132 23.71 12.05 -13.89
C TYR B 132 23.53 11.93 -15.40
N GLN B 133 23.69 13.04 -16.12
CA GLN B 133 23.61 13.00 -17.58
C GLN B 133 24.69 12.13 -18.19
N ASN B 134 25.85 12.11 -17.54
CA ASN B 134 27.02 11.37 -18.05
C ASN B 134 27.09 9.94 -17.55
N TRP B 135 26.26 9.60 -16.56
CA TRP B 135 26.35 8.26 -15.97
C TRP B 135 25.86 7.20 -16.94
N GLN B 136 26.66 6.14 -17.11
CA GLN B 136 26.27 5.03 -17.99
C GLN B 136 26.07 3.79 -17.14
N PRO B 137 24.90 3.16 -17.25
CA PRO B 137 24.56 2.03 -16.38
C PRO B 137 25.38 0.77 -16.62
N ALA B 138 25.56 0.03 -15.54
CA ALA B 138 26.22 -1.28 -15.57
C ALA B 138 25.23 -2.38 -15.96
N TRP B 139 23.95 -2.17 -15.64
CA TRP B 139 22.89 -3.13 -15.90
C TRP B 139 21.60 -2.43 -16.30
N ALA B 140 20.64 -3.19 -16.80
CA ALA B 140 19.34 -2.59 -17.12
C ALA B 140 18.61 -2.24 -15.84
N PRO B 141 17.64 -1.33 -15.93
CA PRO B 141 16.87 -1.00 -14.72
C PRO B 141 16.12 -2.20 -14.15
N GLY B 142 16.04 -2.28 -12.83
CA GLY B 142 15.21 -3.25 -12.14
C GLY B 142 15.77 -4.65 -12.21
N THR B 143 17.08 -4.79 -12.37
CA THR B 143 17.68 -6.13 -12.44
C THR B 143 18.69 -6.44 -11.31
N GLN B 144 19.39 -5.42 -10.83
CA GLN B 144 20.45 -5.62 -9.84
C GLN B 144 20.30 -4.55 -8.79
N ARG B 145 20.48 -4.93 -7.53
CA ARG B 145 20.51 -3.96 -6.43
C ARG B 145 21.97 -3.66 -6.16
N LEU B 146 22.33 -2.39 -6.21
CA LEU B 146 23.66 -1.98 -5.80
C LEU B 146 23.53 -0.79 -4.85
N TYR B 147 23.78 -1.02 -3.57
CA TYR B 147 23.58 0.02 -2.55
C TYR B 147 24.32 1.29 -2.96
N ALA B 148 23.65 2.43 -2.90
CA ALA B 148 24.18 3.65 -3.51
C ALA B 148 23.58 4.92 -2.94
N ASN B 149 24.45 5.78 -2.42
CA ASN B 149 24.02 7.12 -2.01
C ASN B 149 23.52 7.95 -3.19
N SER B 150 24.14 7.78 -4.35
CA SER B 150 23.77 8.57 -5.54
C SER B 150 22.39 8.15 -6.06
N SER B 151 21.93 6.97 -5.66
CA SER B 151 20.61 6.49 -6.04
C SER B 151 19.52 7.02 -5.11
N ILE B 152 19.52 6.60 -3.84
CA ILE B 152 18.48 7.08 -2.92
C ILE B 152 18.61 8.58 -2.63
N GLY B 153 19.83 9.11 -2.69
CA GLY B 153 20.01 10.54 -2.48
C GLY B 153 19.26 11.34 -3.53
N LEU B 154 19.28 10.87 -4.79
CA LEU B 154 18.52 11.54 -5.86
C LEU B 154 17.03 11.35 -5.68
N PHE B 155 16.63 10.16 -5.25
CA PHE B 155 15.21 9.92 -4.96
C PHE B 155 14.71 10.97 -3.95
N GLY B 156 15.46 11.16 -2.86
CA GLY B 156 15.02 12.09 -1.84
C GLY B 156 14.89 13.52 -2.34
N ALA B 157 15.87 13.95 -3.10
CA ALA B 157 15.80 15.29 -3.69
C ALA B 157 14.59 15.48 -4.60
N LEU B 158 14.31 14.47 -5.43
CA LEU B 158 13.21 14.58 -6.37
C LEU B 158 11.88 14.42 -5.66
N ALA B 159 11.87 13.60 -4.62
CA ALA B 159 10.63 13.28 -3.90
C ALA B 159 9.96 14.54 -3.32
N VAL B 160 10.77 15.52 -2.93
CA VAL B 160 10.21 16.72 -2.33
C VAL B 160 9.97 17.85 -3.35
N LYS B 161 10.35 17.65 -4.61
CA LYS B 161 10.25 18.70 -5.61
C LYS B 161 8.83 19.20 -5.81
N PRO B 162 7.83 18.30 -5.91
CA PRO B 162 6.48 18.85 -6.11
C PRO B 162 5.93 19.69 -4.94
N SER B 163 6.38 19.41 -3.72
CA SER B 163 5.94 20.16 -2.53
C SER B 163 6.45 21.58 -2.57
N GLY B 164 7.51 21.81 -3.34
CA GLY B 164 8.19 23.09 -3.37
C GLY B 164 9.03 23.41 -2.14
N LEU B 165 9.09 22.48 -1.18
CA LEU B 165 9.88 22.67 0.04
C LEU B 165 11.30 22.15 -0.21
N SER B 166 12.27 22.68 0.53
CA SER B 166 13.63 22.13 0.45
C SER B 166 13.57 20.78 1.10
N PHE B 167 14.56 19.93 0.82
CA PHE B 167 14.56 18.63 1.44
C PHE B 167 14.53 18.76 2.98
N GLU B 168 15.37 19.66 3.50
CA GLU B 168 15.43 19.87 4.95
C GLU B 168 14.12 20.33 5.56
N GLN B 169 13.46 21.31 4.93
CA GLN B 169 12.18 21.79 5.43
C GLN B 169 11.09 20.76 5.33
N ALA B 170 11.10 19.97 4.26
CA ALA B 170 10.09 18.90 4.14
C ALA B 170 10.34 17.89 5.26
N MET B 171 11.59 17.50 5.48
CA MET B 171 11.87 16.51 6.52
C MET B 171 11.48 17.03 7.92
N GLN B 172 11.82 18.27 8.22
CA GLN B 172 11.49 18.82 9.53
C GLN B 172 9.98 18.91 9.74
N THR B 173 9.28 19.44 8.73
CA THR B 173 7.85 19.72 8.95
C THR B 173 6.95 18.50 8.77
N ARG B 174 7.41 17.52 7.99
CA ARG B 174 6.55 16.39 7.64
C ARG B 174 6.92 15.13 8.39
N VAL B 175 8.13 15.06 8.92
CA VAL B 175 8.55 13.85 9.62
C VAL B 175 8.99 14.14 11.04
N PHE B 176 10.01 14.98 11.21
CA PHE B 176 10.57 15.23 12.55
C PHE B 176 9.52 15.82 13.51
N GLN B 177 8.85 16.89 13.09
CA GLN B 177 7.92 17.57 13.97
C GLN B 177 6.68 16.76 14.39
N PRO B 178 5.98 16.13 13.43
CA PRO B 178 4.81 15.37 13.86
C PRO B 178 5.16 14.25 14.84
N LEU B 179 6.38 13.73 14.76
CA LEU B 179 6.81 12.62 15.61
C LEU B 179 7.54 13.13 16.85
N LYS B 180 7.59 14.45 16.97
CA LYS B 180 8.12 15.14 18.13
C LYS B 180 9.55 14.74 18.33
N LEU B 181 10.26 14.64 17.21
CA LEU B 181 11.72 14.39 17.27
C LEU B 181 12.37 15.76 17.43
N ASN B 182 12.40 16.24 18.66
CA ASN B 182 12.71 17.65 18.95
C ASN B 182 14.22 17.98 19.00
N HIS B 183 15.05 16.95 18.88
CA HIS B 183 16.52 17.09 18.91
C HIS B 183 17.14 16.30 17.75
N THR B 184 16.47 16.35 16.60
CA THR B 184 16.89 15.66 15.39
C THR B 184 17.06 16.70 14.27
N TRP B 185 18.22 16.70 13.65
CA TRP B 185 18.59 17.76 12.73
C TRP B 185 19.38 17.27 11.53
N ILE B 186 19.11 17.87 10.38
CA ILE B 186 19.99 17.73 9.21
C ILE B 186 21.16 18.70 9.33
N ASN B 187 20.87 19.92 9.76
CA ASN B 187 21.90 20.86 10.14
C ASN B 187 21.77 21.22 11.60
N VAL B 188 22.78 20.87 12.39
CA VAL B 188 22.76 21.08 13.83
C VAL B 188 22.90 22.56 14.14
N PRO B 189 21.89 23.14 14.81
CA PRO B 189 21.95 24.60 15.03
C PRO B 189 22.89 24.92 16.20
N PRO B 190 23.27 26.20 16.37
CA PRO B 190 24.20 26.62 17.43
C PRO B 190 23.82 26.17 18.84
N ALA B 191 22.53 26.21 19.17
CA ALA B 191 22.06 25.79 20.49
C ALA B 191 22.33 24.31 20.81
N GLU B 192 22.47 23.48 19.79
CA GLU B 192 22.73 22.07 19.98
C GLU B 192 24.21 21.68 19.81
N GLU B 193 25.08 22.63 19.48
CA GLU B 193 26.47 22.26 19.28
C GLU B 193 27.08 21.61 20.50
N LYS B 194 26.71 22.08 21.67
CA LYS B 194 27.29 21.55 22.91
C LYS B 194 26.89 20.10 23.14
N ASN B 195 25.87 19.63 22.41
CA ASN B 195 25.38 18.26 22.54
C ASN B 195 25.79 17.35 21.40
N TYR B 196 26.43 17.90 20.41
CA TYR B 196 26.77 17.17 19.19
C TYR B 196 28.06 16.47 19.47
N ALA B 197 28.02 15.13 19.56
CA ALA B 197 29.23 14.42 19.92
C ALA B 197 30.24 14.60 18.81
N TRP B 198 31.53 14.49 19.12
CA TRP B 198 32.50 14.32 18.07
C TRP B 198 32.58 12.86 17.67
N GLY B 199 32.80 12.61 16.38
CA GLY B 199 33.11 11.27 15.90
C GLY B 199 34.60 11.05 16.07
N TYR B 200 35.04 9.81 16.18
CA TYR B 200 36.47 9.57 16.30
C TYR B 200 36.98 8.64 15.23
N ARG B 201 37.95 9.10 14.45
CA ARG B 201 38.49 8.31 13.34
C ARG B 201 40.00 8.35 13.52
N GLU B 202 40.57 7.18 13.80
CA GLU B 202 42.00 7.07 14.08
C GLU B 202 42.44 8.04 15.17
N GLY B 203 41.61 8.20 16.20
CA GLY B 203 41.93 9.06 17.33
C GLY B 203 41.66 10.54 17.10
N LYS B 204 41.27 10.90 15.88
CA LYS B 204 41.03 12.30 15.56
C LYS B 204 39.54 12.59 15.65
N ALA B 205 39.18 13.70 16.30
CA ALA B 205 37.79 14.12 16.40
C ALA B 205 37.31 14.67 15.05
N VAL B 206 36.22 14.10 14.53
CA VAL B 206 35.73 14.50 13.22
C VAL B 206 34.22 14.61 13.19
N HIS B 207 33.74 15.52 12.36
CA HIS B 207 32.34 15.53 11.98
C HIS B 207 32.26 15.30 10.48
N VAL B 208 31.08 14.88 10.00
CA VAL B 208 30.88 14.56 8.60
C VAL B 208 31.08 15.83 7.76
N SER B 209 31.61 15.70 6.55
CA SER B 209 31.90 16.86 5.70
C SER B 209 30.71 17.07 4.78
N PRO B 210 30.52 18.31 4.31
CA PRO B 210 29.46 18.50 3.32
C PRO B 210 29.74 17.71 2.04
N GLY B 211 28.68 17.29 1.36
CA GLY B 211 28.84 16.54 0.13
C GLY B 211 27.54 16.60 -0.63
N ALA B 212 27.57 16.41 -1.94
CA ALA B 212 26.33 16.42 -2.71
C ALA B 212 25.38 15.34 -2.17
N LEU B 213 24.11 15.73 -2.04
CA LEU B 213 23.04 14.82 -1.60
C LEU B 213 23.32 14.25 -0.23
N ASP B 214 24.09 14.96 0.58
CA ASP B 214 24.38 14.46 1.91
C ASP B 214 23.15 14.35 2.81
N ALA B 215 22.34 15.39 2.84
CA ALA B 215 21.12 15.38 3.63
C ALA B 215 20.29 14.16 3.32
N GLU B 216 20.13 13.88 2.03
CA GLU B 216 19.22 12.83 1.59
C GLU B 216 19.75 11.42 1.86
N ALA B 217 21.06 11.25 1.81
CA ALA B 217 21.67 9.93 1.87
C ALA B 217 22.25 9.59 3.22
N TYR B 218 22.76 10.56 3.96
CA TYR B 218 23.50 10.24 5.19
C TYR B 218 23.63 11.38 6.20
N GLY B 219 22.73 12.36 6.11
CA GLY B 219 22.96 13.61 6.83
C GLY B 219 22.18 13.93 8.10
N VAL B 220 21.46 12.97 8.66
CA VAL B 220 20.67 13.24 9.87
C VAL B 220 21.51 13.05 11.15
N LYS B 221 21.37 13.95 12.12
CA LYS B 221 21.98 13.77 13.45
C LYS B 221 20.83 13.68 14.46
N SER B 222 20.97 12.82 15.47
CA SER B 222 19.84 12.61 16.37
C SER B 222 20.34 12.07 17.70
N THR B 223 19.45 12.10 18.68
CA THR B 223 19.77 11.61 20.01
C THR B 223 19.17 10.24 20.21
N ILE B 224 19.61 9.54 21.27
CA ILE B 224 19.09 8.23 21.53
C ILE B 224 17.59 8.29 21.86
N GLU B 225 17.12 9.38 22.47
CA GLU B 225 15.70 9.52 22.77
C GLU B 225 14.88 9.67 21.52
N ASP B 226 15.34 10.55 20.64
CA ASP B 226 14.58 10.73 19.41
C ASP B 226 14.59 9.48 18.58
N MET B 227 15.75 8.81 18.52
CA MET B 227 15.82 7.55 17.76
C MET B 227 14.93 6.46 18.35
N ALA B 228 14.80 6.41 19.68
CA ALA B 228 13.88 5.44 20.29
C ALA B 228 12.46 5.76 19.83
N ARG B 229 12.12 7.04 19.76
CA ARG B 229 10.79 7.44 19.30
C ARG B 229 10.60 7.08 17.83
N TRP B 230 11.67 7.28 17.05
CA TRP B 230 11.70 6.84 15.66
C TRP B 230 11.40 5.34 15.55
N VAL B 231 12.02 4.54 16.41
CA VAL B 231 11.68 3.12 16.37
C VAL B 231 10.22 2.86 16.76
N GLN B 232 9.75 3.53 17.81
CA GLN B 232 8.37 3.32 18.22
C GLN B 232 7.43 3.67 17.09
N SER B 233 7.74 4.73 16.35
CA SER B 233 6.87 5.19 15.28
C SER B 233 6.85 4.18 14.14
N ASN B 234 7.98 3.57 13.86
CA ASN B 234 8.03 2.57 12.79
C ASN B 234 7.51 1.19 13.24
N LEU B 235 7.57 0.91 14.54
CA LEU B 235 6.93 -0.29 15.11
C LEU B 235 5.42 -0.25 15.02
N LYS B 236 4.84 0.92 15.27
CA LYS B 236 3.39 1.06 15.42
C LYS B 236 2.91 2.30 14.67
N PRO B 237 2.96 2.25 13.34
CA PRO B 237 2.58 3.46 12.59
C PRO B 237 1.10 3.83 12.80
N LEU B 238 0.28 2.86 13.17
CA LEU B 238 -1.14 3.15 13.34
C LEU B 238 -1.38 4.09 14.50
N ASP B 239 -0.37 4.30 15.34
CA ASP B 239 -0.57 5.23 16.45
C ASP B 239 -0.29 6.66 15.99
N ILE B 240 0.32 6.80 14.82
CA ILE B 240 0.60 8.12 14.28
C ILE B 240 -0.64 8.86 13.75
N ASN B 241 -0.90 10.07 14.27
CA ASN B 241 -2.12 10.80 13.96
C ASN B 241 -2.17 11.45 12.56
N GLU B 242 -1.02 11.84 12.02
CA GLU B 242 -0.93 12.40 10.68
C GLU B 242 -1.04 11.30 9.65
N LYS B 243 -2.14 11.32 8.90
CA LYS B 243 -2.52 10.23 8.01
C LYS B 243 -1.51 9.92 6.93
N THR B 244 -1.05 10.92 6.20
CA THR B 244 -0.02 10.64 5.20
C THR B 244 1.31 10.11 5.80
N LEU B 245 1.68 10.52 7.00
CA LEU B 245 2.93 10.04 7.60
C LEU B 245 2.75 8.58 8.04
N GLN B 246 1.56 8.26 8.52
CA GLN B 246 1.25 6.88 8.92
C GLN B 246 1.39 6.02 7.68
N GLN B 247 0.79 6.47 6.58
CA GLN B 247 0.87 5.71 5.35
C GLN B 247 2.30 5.62 4.79
N GLY B 248 3.05 6.71 4.91
CA GLY B 248 4.44 6.76 4.47
C GLY B 248 5.31 5.75 5.18
N ILE B 249 5.12 5.65 6.49
CA ILE B 249 5.85 4.63 7.25
C ILE B 249 5.51 3.22 6.76
N GLN B 250 4.22 2.99 6.53
CA GLN B 250 3.78 1.70 6.01
C GLN B 250 4.43 1.40 4.66
N LEU B 251 4.49 2.40 3.79
CA LEU B 251 5.03 2.23 2.44
C LEU B 251 6.53 1.95 2.45
N ALA B 252 7.23 2.52 3.42
CA ALA B 252 8.64 2.34 3.50
C ALA B 252 8.99 0.92 3.98
N GLN B 253 8.06 0.21 4.63
CA GLN B 253 8.31 -1.18 5.06
C GLN B 253 7.67 -2.17 4.12
N SER B 254 7.07 -1.66 3.05
CA SER B 254 6.62 -2.59 2.01
C SER B 254 7.81 -3.26 1.34
N ARG B 255 7.58 -4.47 0.82
CA ARG B 255 8.69 -5.27 0.25
C ARG B 255 8.63 -5.14 -1.26
N TYR B 256 9.60 -4.44 -1.84
CA TYR B 256 9.61 -4.14 -3.27
C TYR B 256 10.43 -5.11 -4.12
N TRP B 257 11.51 -5.63 -3.54
CA TRP B 257 12.44 -6.49 -4.23
C TRP B 257 12.95 -7.49 -3.22
N GLN B 258 13.26 -8.68 -3.70
CA GLN B 258 13.92 -9.66 -2.86
C GLN B 258 15.30 -10.02 -3.43
N THR B 259 16.28 -10.08 -2.54
CA THR B 259 17.56 -10.70 -2.88
C THR B 259 17.90 -11.62 -1.73
N GLY B 260 18.06 -12.89 -2.03
CA GLY B 260 18.31 -13.85 -0.97
C GLY B 260 17.15 -13.88 0.03
N ASP B 261 17.48 -13.72 1.31
CA ASP B 261 16.42 -13.70 2.32
C ASP B 261 16.10 -12.27 2.76
N MET B 262 16.55 -11.28 1.99
CA MET B 262 16.39 -9.86 2.28
CA MET B 262 16.28 -9.88 2.35
C MET B 262 15.36 -9.21 1.37
N TYR B 263 14.55 -8.30 1.90
CA TYR B 263 13.59 -7.57 1.09
C TYR B 263 13.94 -6.12 1.23
N GLN B 264 13.95 -5.40 0.11
CA GLN B 264 14.27 -3.96 0.09
C GLN B 264 13.02 -3.10 0.24
N GLY B 265 12.97 -2.25 1.27
CA GLY B 265 11.86 -1.31 1.44
C GLY B 265 12.37 0.05 0.98
N LEU B 266 11.74 1.12 1.47
CA LEU B 266 12.24 2.47 1.19
C LEU B 266 13.10 2.87 2.38
N GLY B 267 14.41 2.81 2.17
CA GLY B 267 15.37 2.99 3.26
C GLY B 267 15.54 1.74 4.14
N TRP B 268 14.45 1.30 4.74
CA TRP B 268 14.49 0.09 5.54
C TRP B 268 14.74 -1.12 4.71
N GLU B 269 15.41 -2.09 5.34
CA GLU B 269 15.59 -3.45 4.79
C GLU B 269 14.90 -4.43 5.74
N MET B 270 14.31 -5.51 5.20
CA MET B 270 13.47 -6.41 6.03
C MET B 270 13.81 -7.88 5.76
N LEU B 271 13.64 -8.70 6.78
CA LEU B 271 13.75 -10.17 6.63
C LEU B 271 12.59 -10.76 7.39
N ASP B 272 12.12 -11.93 6.98
CA ASP B 272 11.12 -12.59 7.82
C ASP B 272 11.66 -12.95 9.20
N TRP B 273 10.81 -12.81 10.20
CA TRP B 273 11.11 -13.24 11.56
C TRP B 273 10.37 -14.55 11.81
N PRO B 274 11.05 -15.55 12.41
CA PRO B 274 12.41 -15.47 12.95
C PRO B 274 13.44 -15.48 11.84
N VAL B 275 14.57 -14.85 12.13
CA VAL B 275 15.57 -14.62 11.13
C VAL B 275 16.74 -15.54 11.50
N ASN B 276 17.51 -15.92 10.49
CA ASN B 276 18.75 -16.65 10.67
C ASN B 276 19.83 -15.61 11.05
N PRO B 277 20.31 -15.64 12.31
CA PRO B 277 21.20 -14.54 12.72
C PRO B 277 22.50 -14.49 11.90
N ASP B 278 23.02 -15.64 11.45
CA ASP B 278 24.24 -15.62 10.65
C ASP B 278 24.03 -14.80 9.39
N SER B 279 22.84 -14.94 8.82
CA SER B 279 22.46 -14.25 7.61
C SER B 279 22.46 -12.70 7.73
N ILE B 280 21.87 -12.15 8.80
CA ILE B 280 21.91 -10.70 8.97
C ILE B 280 23.28 -10.23 9.43
N ILE B 281 23.95 -11.02 10.25
CA ILE B 281 25.26 -10.63 10.73
C ILE B 281 26.27 -10.65 9.57
N ASN B 282 26.41 -11.79 8.88
CA ASN B 282 27.33 -11.85 7.74
C ASN B 282 26.90 -10.94 6.61
N GLY B 283 25.58 -10.82 6.40
CA GLY B 283 25.08 -10.02 5.30
C GLY B 283 25.36 -8.53 5.53
N SER B 284 25.66 -8.17 6.77
CA SER B 284 25.84 -6.74 7.07
C SER B 284 27.27 -6.31 6.76
N ASP B 285 28.17 -7.27 6.61
CA ASP B 285 29.54 -6.93 6.22
C ASP B 285 29.50 -6.21 4.88
N ASN B 286 30.21 -5.09 4.77
CA ASN B 286 30.26 -4.31 3.51
C ASN B 286 30.66 -5.13 2.27
N LYS B 287 31.42 -6.20 2.43
CA LYS B 287 31.82 -6.95 1.24
C LYS B 287 30.60 -7.60 0.61
N ILE B 288 29.55 -7.82 1.41
CA ILE B 288 28.25 -8.28 0.91
C ILE B 288 27.27 -7.12 0.73
N ALA B 289 27.14 -6.29 1.77
CA ALA B 289 26.12 -5.25 1.80
C ALA B 289 26.28 -4.22 0.69
N LEU B 290 27.50 -4.03 0.24
CA LEU B 290 27.75 -3.06 -0.85
C LEU B 290 27.98 -3.69 -2.24
N ALA B 291 27.82 -5.00 -2.33
CA ALA B 291 28.00 -5.72 -3.58
C ALA B 291 26.71 -5.78 -4.36
N ALA B 292 26.83 -5.83 -5.68
CA ALA B 292 25.67 -6.02 -6.54
C ALA B 292 25.03 -7.40 -6.31
N ARG B 293 23.69 -7.43 -6.24
CA ARG B 293 22.96 -8.69 -6.14
C ARG B 293 21.73 -8.63 -7.04
N PRO B 294 21.43 -9.71 -7.75
CA PRO B 294 20.24 -9.72 -8.62
C PRO B 294 18.98 -9.66 -7.78
N VAL B 295 17.98 -8.91 -8.25
CA VAL B 295 16.73 -8.80 -7.47
C VAL B 295 15.57 -9.43 -8.22
N LYS B 296 14.61 -9.96 -7.46
CA LYS B 296 13.34 -10.40 -7.99
C LYS B 296 12.36 -9.33 -7.60
N ALA B 297 11.63 -8.84 -8.58
CA ALA B 297 10.59 -7.85 -8.34
C ALA B 297 9.47 -8.54 -7.57
N ILE B 298 8.93 -7.84 -6.58
CA ILE B 298 7.78 -8.35 -5.85
C ILE B 298 6.59 -7.55 -6.41
N THR B 299 5.78 -8.25 -7.19
CA THR B 299 4.82 -7.59 -8.08
C THR B 299 3.42 -8.03 -7.74
N PRO B 300 2.67 -7.23 -6.98
CA PRO B 300 2.98 -5.91 -6.44
C PRO B 300 3.70 -6.04 -5.09
N PRO B 301 4.18 -4.93 -4.57
CA PRO B 301 4.91 -5.07 -3.29
C PRO B 301 4.03 -5.58 -2.16
N THR B 302 4.62 -6.39 -1.29
CA THR B 302 3.90 -6.86 -0.12
C THR B 302 3.83 -5.74 0.89
N PRO B 303 2.64 -5.55 1.49
CA PRO B 303 2.55 -4.54 2.53
C PRO B 303 3.35 -4.95 3.72
N ALA B 304 3.72 -3.97 4.53
CA ALA B 304 4.57 -4.24 5.69
C ALA B 304 4.17 -5.50 6.49
N VAL B 305 5.14 -6.39 6.62
CA VAL B 305 4.93 -7.65 7.31
C VAL B 305 5.30 -7.49 8.78
N ARG B 306 4.35 -7.80 9.67
CA ARG B 306 4.58 -7.57 11.08
C ARG B 306 5.67 -8.49 11.61
N ALA B 307 5.65 -9.73 11.17
CA ALA B 307 6.66 -10.69 11.55
C ALA B 307 7.92 -10.52 10.69
N SER B 308 8.63 -9.41 10.91
CA SER B 308 9.83 -9.05 10.18
C SER B 308 10.87 -8.59 11.16
N TRP B 309 12.14 -8.83 10.81
CA TRP B 309 13.26 -8.12 11.39
C TRP B 309 13.49 -6.94 10.42
N VAL B 310 13.29 -5.71 10.89
CA VAL B 310 13.41 -4.54 10.01
C VAL B 310 14.61 -3.78 10.52
N HIS B 311 15.51 -3.36 9.64
CA HIS B 311 16.77 -2.82 10.15
C HIS B 311 17.51 -1.93 9.15
N LYS B 312 18.54 -1.25 9.66
CA LYS B 312 19.43 -0.44 8.82
C LYS B 312 20.74 -0.17 9.59
N THR B 313 21.86 -0.41 8.94
CA THR B 313 23.17 0.01 9.45
C THR B 313 23.49 1.40 8.88
N GLY B 314 24.30 2.18 9.56
CA GLY B 314 24.72 3.42 8.95
C GLY B 314 26.00 3.88 9.59
N ALA B 315 26.83 4.60 8.84
CA ALA B 315 28.05 5.10 9.43
C ALA B 315 28.44 6.39 8.76
N THR B 316 29.24 7.17 9.45
CA THR B 316 30.02 8.21 8.79
C THR B 316 31.48 7.93 9.10
N GLY B 317 32.36 8.87 8.76
CA GLY B 317 33.77 8.67 9.03
C GLY B 317 34.05 8.42 10.50
N GLY B 318 33.28 9.07 11.37
CA GLY B 318 33.53 9.08 12.80
C GLY B 318 32.46 8.39 13.64
N PHE B 319 31.45 7.83 13.00
CA PHE B 319 30.29 7.29 13.74
C PHE B 319 29.81 5.98 13.17
N GLY B 320 29.21 5.14 14.03
CA GLY B 320 28.56 3.92 13.55
C GLY B 320 27.26 3.67 14.29
N SER B 321 26.19 3.43 13.53
CA SER B 321 24.85 3.28 14.10
C SER B 321 24.14 2.04 13.57
N TYR B 322 23.14 1.60 14.30
CA TYR B 322 22.33 0.49 13.82
C TYR B 322 20.98 0.59 14.48
N VAL B 323 19.95 0.25 13.73
CA VAL B 323 18.60 0.22 14.25
C VAL B 323 17.97 -1.06 13.76
N ALA B 324 17.26 -1.76 14.65
CA ALA B 324 16.54 -2.96 14.25
C ALA B 324 15.30 -3.11 15.10
N PHE B 325 14.24 -3.64 14.53
CA PHE B 325 13.01 -3.82 15.30
C PHE B 325 12.12 -4.89 14.70
N ILE B 326 11.25 -5.45 15.53
CA ILE B 326 10.35 -6.52 15.10
C ILE B 326 8.93 -6.12 15.47
N PRO B 327 8.13 -5.71 14.48
CA PRO B 327 6.80 -5.15 14.78
C PRO B 327 5.92 -6.10 15.55
N GLU B 328 5.88 -7.36 15.14
CA GLU B 328 5.08 -8.40 15.81
C GLU B 328 5.34 -8.46 17.34
N LYS B 329 6.56 -8.11 17.75
CA LYS B 329 6.99 -8.32 19.16
C LYS B 329 7.04 -7.01 19.94
N GLU B 330 6.75 -5.91 19.26
CA GLU B 330 6.81 -4.57 19.83
C GLU B 330 8.20 -4.37 20.44
N LEU B 331 9.20 -4.83 19.71
CA LEU B 331 10.56 -4.93 20.27
C LEU B 331 11.53 -4.27 19.32
N GLY B 332 12.52 -3.53 19.85
CA GLY B 332 13.49 -2.93 18.95
C GLY B 332 14.71 -2.42 19.69
N ILE B 333 15.71 -1.98 18.93
CA ILE B 333 16.92 -1.45 19.52
C ILE B 333 17.57 -0.40 18.63
N VAL B 334 18.21 0.59 19.26
CA VAL B 334 19.02 1.56 18.56
C VAL B 334 20.37 1.58 19.25
N MET B 335 21.43 1.62 18.46
CA MET B 335 22.80 1.61 18.98
C MET B 335 23.54 2.73 18.25
N LEU B 336 23.95 3.77 18.96
CA LEU B 336 24.63 4.91 18.37
C LEU B 336 26.00 4.99 19.00
N ALA B 337 27.03 5.07 18.16
CA ALA B 337 28.40 5.10 18.64
C ALA B 337 29.20 6.16 17.90
N ASN B 338 30.10 6.83 18.62
CA ASN B 338 30.96 7.81 17.97
C ASN B 338 32.31 7.24 17.57
N LYS B 339 32.25 6.04 17.01
CA LYS B 339 33.34 5.44 16.24
C LYS B 339 32.68 4.54 15.20
N ASN B 340 33.19 4.56 13.98
CA ASN B 340 32.74 3.66 12.94
C ASN B 340 33.38 2.26 13.11
N TYR B 341 32.68 1.36 13.76
CA TYR B 341 33.18 0.01 13.98
C TYR B 341 32.37 -1.00 13.13
N PRO B 342 32.90 -2.21 12.89
CA PRO B 342 32.34 -3.07 11.83
C PRO B 342 30.85 -3.40 12.00
N ASN B 343 30.10 -3.37 10.90
CA ASN B 343 28.68 -3.70 10.95
C ASN B 343 28.39 -5.05 11.63
N PRO B 344 29.16 -6.10 11.33
CA PRO B 344 28.76 -7.38 11.94
C PRO B 344 28.79 -7.36 13.45
N ALA B 345 29.72 -6.61 14.04
CA ALA B 345 29.73 -6.46 15.49
C ALA B 345 28.44 -5.81 15.98
N ARG B 346 27.93 -4.80 15.26
CA ARG B 346 26.67 -4.14 15.64
C ARG B 346 25.51 -5.11 15.59
N VAL B 347 25.45 -5.87 14.50
CA VAL B 347 24.27 -6.68 14.26
C VAL B 347 24.31 -7.85 15.25
N ASP B 348 25.49 -8.36 15.54
CA ASP B 348 25.57 -9.47 16.46
C ASP B 348 25.08 -9.07 17.84
N ALA B 349 25.48 -7.89 18.29
CA ALA B 349 25.09 -7.42 19.59
C ALA B 349 23.57 -7.21 19.63
N ALA B 350 23.02 -6.58 18.59
CA ALA B 350 21.58 -6.33 18.54
C ALA B 350 20.80 -7.64 18.52
N TRP B 351 21.30 -8.60 17.76
CA TRP B 351 20.72 -9.96 17.78
C TRP B 351 20.71 -10.59 19.18
N GLN B 352 21.84 -10.54 19.89
CA GLN B 352 21.90 -11.13 21.22
C GLN B 352 20.85 -10.52 22.15
N ILE B 353 20.69 -9.20 22.07
CA ILE B 353 19.78 -8.49 22.93
C ILE B 353 18.34 -8.79 22.58
N LEU B 354 17.96 -8.61 21.31
CA LEU B 354 16.55 -8.79 20.94
C LEU B 354 16.14 -10.26 21.03
N ASN B 355 17.06 -11.17 20.69
CA ASN B 355 16.75 -12.61 20.79
C ASN B 355 16.49 -13.02 22.22
N ALA B 356 17.19 -12.38 23.16
CA ALA B 356 17.02 -12.65 24.58
C ALA B 356 15.64 -12.20 25.08
N LEU B 357 15.15 -11.10 24.53
CA LEU B 357 14.00 -10.43 25.08
C LEU B 357 12.71 -10.79 24.37
N GLN B 358 12.85 -11.49 23.26
CA GLN B 358 11.71 -11.82 22.43
C GLN B 358 10.86 -12.92 23.04
P PO4 C . -2.91 2.30 -22.45
O1 PO4 C . -2.48 0.82 -22.40
O2 PO4 C . -4.39 2.37 -22.72
O3 PO4 C . -2.61 2.92 -21.10
O4 PO4 C . -2.18 3.07 -23.52
P PO4 D . -39.56 8.85 -1.78
O1 PO4 D . -40.20 7.63 -1.13
O2 PO4 D . -40.11 10.06 -1.05
O3 PO4 D . -39.95 8.96 -3.23
O4 PO4 D . -38.05 8.77 -1.68
P PO4 E . -48.32 -1.75 -10.13
O1 PO4 E . -47.72 -2.41 -8.90
O2 PO4 E . -49.35 -2.71 -10.71
O3 PO4 E . -49.02 -0.49 -9.72
O4 PO4 E . -47.25 -1.43 -11.14
P PO4 F . -10.93 -23.99 -5.35
O1 PO4 F . -11.57 -25.33 -5.64
O2 PO4 F . -9.51 -24.20 -4.91
O3 PO4 F . -11.72 -23.30 -4.26
O4 PO4 F . -10.96 -23.15 -6.60
C01 ZB6 G . 27.61 3.21 2.71
C02 ZB6 G . 28.87 4.00 2.72
C03 ZB6 G . 30.03 3.06 2.67
C04 ZB6 G . 30.29 2.43 4.02
C05 ZB6 G . 30.36 3.47 5.12
C06 ZB6 G . 29.20 4.42 5.12
N07 ZB6 G . 28.94 4.90 3.81
C08 ZB6 G . 28.73 6.30 3.47
O09 ZB6 G . 28.52 6.55 2.29
C10 ZB6 G . 28.76 7.46 4.41
C11 ZB6 G . 29.33 8.73 3.89
S12 ZB6 G . 29.91 9.89 5.10
C13 ZB6 G . 28.03 3.82 5.84
O14 ZB6 G . 28.18 2.69 6.40
O15 ZB6 G . 26.90 4.42 5.89
P PO4 H . 35.48 -14.55 2.65
O1 PO4 H . 34.77 -15.33 3.74
O2 PO4 H . 35.58 -15.46 1.43
O3 PO4 H . 36.86 -14.15 3.19
O4 PO4 H . 34.76 -13.29 2.25
#